data_1YZY
#
_entry.id   1YZY
#
_cell.length_a   67.240
_cell.length_b   82.390
_cell.length_c   84.440
_cell.angle_alpha   90.00
_cell.angle_beta   108.41
_cell.angle_gamma   90.00
#
_symmetry.space_group_name_H-M   'P 1 21 1'
#
loop_
_entity.id
_entity.type
_entity.pdbx_description
1 polymer 'Hypothetical protein HI1011'
2 water water
#
_entity_poly.entity_id   1
_entity_poly.type   'polypeptide(L)'
_entity_poly.pdbx_seq_one_letter_code
;MLGVIADDFTGASDIASFLVENGLSTVQMNGVPTQSLNSKVDAIVISLKSRSNPVNEAIEQSLRAYQWLKENGCTQFYFK
YCSTFDSTAKGNIGPVTDALLDELNEDFTVITPALPVNGRTIFNGYLFVGDVLLSESGMKNHPITPMVDANLMRLMDAQA
KGKTGLVAYADVIKGASRVQECFAELKAQGYRYAVVDAVDNSQLEVLAEAVADFKLVTGGSGLGAYMAARLSGGKKGTNA
FTPTKGKTVVLSGSCSVMTNKQVEKYREKAPHFQLDVEQAIHNENYIEQLYQWVIANLDSEFAPMVYATVPPDALKAIQH
QFGVDQASHAIENTFAKLAAKLKQYGVTNFITAGGETSSIVVQELGFTGFHIGKQIAPGVPWLKAVEEDIFLALKSGNFG
KEDFFEYAQGMFL
;
_entity_poly.pdbx_strand_id   A,B
#
# COMPACT_ATOMS: atom_id res chain seq x y z
N LEU A 2 -24.35 -11.75 8.16
CA LEU A 2 -24.61 -10.60 7.22
C LEU A 2 -23.32 -9.99 6.71
N GLY A 3 -23.13 -10.02 5.40
CA GLY A 3 -21.94 -9.44 4.80
C GLY A 3 -22.26 -8.19 4.02
N VAL A 4 -21.71 -7.06 4.44
CA VAL A 4 -21.94 -5.80 3.75
C VAL A 4 -20.74 -5.45 2.89
N ILE A 5 -20.99 -5.03 1.67
CA ILE A 5 -19.95 -4.63 0.73
C ILE A 5 -20.19 -3.17 0.41
N ALA A 6 -19.44 -2.29 1.06
CA ALA A 6 -19.59 -0.86 0.86
C ALA A 6 -18.65 -0.26 -0.18
N ASP A 7 -19.18 0.68 -0.98
CA ASP A 7 -18.44 1.33 -2.05
C ASP A 7 -17.60 2.56 -1.67
N ASP A 8 -17.52 2.84 -0.38
CA ASP A 8 -16.69 3.95 0.12
C ASP A 8 -16.49 3.83 1.62
N PHE A 9 -15.53 4.58 2.15
CA PHE A 9 -15.21 4.52 3.57
C PHE A 9 -16.28 5.13 4.48
N THR A 10 -16.66 6.37 4.21
CA THR A 10 -17.67 7.07 5.00
C THR A 10 -18.97 6.25 5.10
N GLY A 11 -19.39 5.69 3.97
CA GLY A 11 -20.58 4.86 3.93
C GLY A 11 -20.41 3.59 4.73
N ALA A 12 -19.23 2.96 4.62
CA ALA A 12 -18.97 1.73 5.36
C ALA A 12 -19.03 2.00 6.87
N SER A 13 -18.44 3.11 7.31
CA SER A 13 -18.45 3.47 8.71
C SER A 13 -19.89 3.77 9.15
N ASP A 14 -20.60 4.49 8.29
CA ASP A 14 -21.98 4.88 8.56
C ASP A 14 -22.91 3.69 8.80
N ILE A 15 -22.97 2.78 7.83
CA ILE A 15 -23.85 1.63 7.97
C ILE A 15 -23.42 0.74 9.11
N ALA A 16 -22.11 0.64 9.34
CA ALA A 16 -21.56 -0.19 10.41
C ALA A 16 -22.04 0.31 11.78
N SER A 17 -22.08 1.62 11.95
CA SER A 17 -22.57 2.22 13.20
C SER A 17 -24.06 1.90 13.32
N PHE A 18 -24.77 1.97 12.20
CA PHE A 18 -26.19 1.69 12.17
C PHE A 18 -26.50 0.26 12.59
N LEU A 19 -25.69 -0.68 12.10
CA LEU A 19 -25.89 -2.08 12.43
C LEU A 19 -25.69 -2.31 13.93
N VAL A 20 -24.74 -1.60 14.51
CA VAL A 20 -24.41 -1.70 15.95
C VAL A 20 -25.46 -1.01 16.83
N GLU A 21 -25.88 0.17 16.41
CA GLU A 21 -26.88 0.93 17.13
C GLU A 21 -28.24 0.24 17.09
N ASN A 22 -28.31 -0.87 16.35
CA ASN A 22 -29.51 -1.65 16.21
C ASN A 22 -29.29 -3.10 16.64
N GLY A 23 -28.39 -3.28 17.61
CA GLY A 23 -28.10 -4.58 18.20
C GLY A 23 -27.24 -5.66 17.55
N LEU A 24 -26.58 -5.34 16.44
CA LEU A 24 -25.75 -6.34 15.76
C LEU A 24 -24.23 -6.22 16.01
N SER A 25 -23.57 -7.29 16.44
CA SER A 25 -22.12 -7.21 16.64
C SER A 25 -21.49 -7.06 15.25
N THR A 26 -20.70 -6.01 15.05
CA THR A 26 -20.12 -5.71 13.74
C THR A 26 -18.59 -5.55 13.66
N VAL A 27 -18.02 -6.00 12.55
CA VAL A 27 -16.59 -5.87 12.28
C VAL A 27 -16.47 -5.19 10.92
N GLN A 28 -15.78 -4.07 10.88
CA GLN A 28 -15.56 -3.35 9.64
C GLN A 28 -14.13 -3.50 9.13
N MET A 29 -13.97 -4.24 8.04
CA MET A 29 -12.66 -4.45 7.44
C MET A 29 -12.43 -3.40 6.38
N ASN A 30 -11.25 -2.79 6.38
CA ASN A 30 -10.92 -1.76 5.39
C ASN A 30 -10.15 -2.45 4.26
N GLY A 31 -10.85 -2.74 3.17
CA GLY A 31 -10.25 -3.44 2.04
C GLY A 31 -10.48 -4.93 2.22
N VAL A 32 -10.36 -5.71 1.15
CA VAL A 32 -10.56 -7.16 1.27
C VAL A 32 -9.40 -7.78 2.05
N PRO A 33 -9.70 -8.46 3.17
CA PRO A 33 -8.69 -9.10 4.03
C PRO A 33 -8.00 -10.30 3.41
N THR A 34 -6.73 -10.49 3.75
CA THR A 34 -5.94 -11.62 3.24
C THR A 34 -5.88 -12.77 4.23
N GLN A 35 -6.36 -12.53 5.44
CA GLN A 35 -6.40 -13.52 6.51
C GLN A 35 -7.84 -13.67 7.05
N SER A 36 -8.21 -14.88 7.43
CA SER A 36 -9.53 -15.19 7.95
C SER A 36 -9.85 -14.41 9.22
N LEU A 37 -11.14 -14.25 9.51
CA LEU A 37 -11.60 -13.56 10.70
C LEU A 37 -11.84 -14.60 11.78
N ASN A 38 -10.94 -14.63 12.76
CA ASN A 38 -11.01 -15.59 13.86
C ASN A 38 -12.10 -15.23 14.86
N SER A 39 -12.88 -14.21 14.55
CA SER A 39 -13.95 -13.76 15.43
C SER A 39 -15.35 -14.05 14.89
N LYS A 40 -16.28 -14.36 15.79
CA LYS A 40 -17.66 -14.66 15.42
C LYS A 40 -18.54 -13.44 15.69
N VAL A 41 -18.97 -12.76 14.62
CA VAL A 41 -19.83 -11.57 14.74
C VAL A 41 -21.11 -11.73 13.91
N ASP A 42 -22.05 -10.80 14.10
CA ASP A 42 -23.32 -10.83 13.40
C ASP A 42 -23.24 -10.22 12.01
N ALA A 43 -22.36 -9.23 11.85
CA ALA A 43 -22.18 -8.54 10.57
C ALA A 43 -20.74 -8.13 10.30
N ILE A 44 -20.33 -8.25 9.04
CA ILE A 44 -18.99 -7.83 8.65
C ILE A 44 -19.15 -6.91 7.47
N VAL A 45 -18.61 -5.70 7.59
CA VAL A 45 -18.67 -4.69 6.54
C VAL A 45 -17.29 -4.52 5.89
N ILE A 46 -17.19 -4.68 4.58
CA ILE A 46 -15.92 -4.47 3.88
C ILE A 46 -15.96 -3.15 3.13
N SER A 47 -15.08 -2.24 3.53
CA SER A 47 -14.96 -0.91 2.94
C SER A 47 -14.06 -0.91 1.71
N LEU A 48 -14.60 -0.43 0.59
CA LEU A 48 -13.86 -0.36 -0.66
C LEU A 48 -13.75 1.08 -1.16
N LYS A 49 -13.14 1.26 -2.32
CA LYS A 49 -13.00 2.57 -2.95
C LYS A 49 -13.56 2.40 -4.36
N SER A 50 -14.74 1.79 -4.42
CA SER A 50 -15.39 1.48 -5.68
C SER A 50 -16.63 2.32 -6.04
N ARG A 51 -16.65 3.61 -5.71
CA ARG A 51 -17.81 4.41 -6.10
C ARG A 51 -17.69 4.93 -7.55
N SER A 52 -16.48 5.31 -7.96
CA SER A 52 -16.28 5.82 -9.31
C SER A 52 -14.95 5.43 -9.98
N ASN A 53 -14.36 4.32 -9.54
CA ASN A 53 -13.12 3.81 -10.11
C ASN A 53 -13.50 3.03 -11.38
N PRO A 54 -12.50 2.55 -12.15
CA PRO A 54 -12.85 1.79 -13.36
C PRO A 54 -13.83 0.66 -13.03
N VAL A 55 -14.88 0.55 -13.84
CA VAL A 55 -15.92 -0.45 -13.61
C VAL A 55 -15.48 -1.92 -13.45
N ASN A 56 -14.42 -2.33 -14.14
CA ASN A 56 -13.99 -3.73 -14.00
C ASN A 56 -13.21 -3.99 -12.72
N GLU A 57 -12.67 -2.92 -12.14
CA GLU A 57 -11.97 -3.01 -10.86
C GLU A 57 -13.04 -3.16 -9.78
N ALA A 58 -14.03 -2.26 -9.80
CA ALA A 58 -15.13 -2.29 -8.84
C ALA A 58 -15.79 -3.67 -8.83
N ILE A 59 -16.01 -4.24 -10.01
CA ILE A 59 -16.61 -5.56 -10.11
C ILE A 59 -15.71 -6.63 -9.50
N GLU A 60 -14.42 -6.61 -9.83
CA GLU A 60 -13.49 -7.61 -9.31
C GLU A 60 -13.34 -7.51 -7.79
N GLN A 61 -13.20 -6.28 -7.29
CA GLN A 61 -13.05 -6.04 -5.87
C GLN A 61 -14.28 -6.48 -5.08
N SER A 62 -15.45 -6.15 -5.62
CA SER A 62 -16.73 -6.50 -5.00
C SER A 62 -16.90 -8.01 -4.92
N LEU A 63 -16.46 -8.70 -5.97
CA LEU A 63 -16.54 -10.16 -6.02
C LEU A 63 -15.55 -10.79 -5.04
N ARG A 64 -14.45 -10.09 -4.78
CA ARG A 64 -13.43 -10.56 -3.85
C ARG A 64 -13.92 -10.38 -2.43
N ALA A 65 -14.60 -9.26 -2.19
CA ALA A 65 -15.15 -8.95 -0.87
C ALA A 65 -16.19 -10.01 -0.52
N TYR A 66 -17.01 -10.36 -1.51
CA TYR A 66 -18.06 -11.35 -1.37
C TYR A 66 -17.49 -12.73 -1.06
N GLN A 67 -16.45 -13.10 -1.80
CA GLN A 67 -15.82 -14.42 -1.63
C GLN A 67 -15.27 -14.55 -0.21
N TRP A 68 -14.67 -13.47 0.28
CA TRP A 68 -14.13 -13.48 1.63
C TRP A 68 -15.27 -13.56 2.64
N LEU A 69 -16.22 -12.63 2.55
CA LEU A 69 -17.38 -12.63 3.45
C LEU A 69 -18.03 -14.02 3.46
N LYS A 70 -18.12 -14.64 2.29
CA LYS A 70 -18.69 -15.98 2.15
C LYS A 70 -17.84 -17.00 2.91
N GLU A 71 -16.52 -16.98 2.65
CA GLU A 71 -15.61 -17.90 3.31
C GLU A 71 -15.62 -17.72 4.82
N ASN A 72 -15.97 -16.52 5.27
CA ASN A 72 -16.01 -16.24 6.69
C ASN A 72 -17.37 -16.29 7.39
N GLY A 73 -18.26 -17.12 6.86
CA GLY A 73 -19.58 -17.31 7.46
C GLY A 73 -20.71 -16.45 7.01
N CYS A 74 -20.57 -15.39 6.23
CA CYS A 74 -21.77 -14.67 5.82
C CYS A 74 -22.74 -15.41 4.89
N THR A 75 -24.04 -15.33 5.19
CA THR A 75 -25.05 -16.00 4.37
C THR A 75 -25.99 -15.04 3.66
N GLN A 76 -25.97 -13.77 4.06
CA GLN A 76 -26.81 -12.76 3.44
C GLN A 76 -25.93 -11.59 3.06
N PHE A 77 -26.11 -11.04 1.86
CA PHE A 77 -25.27 -9.94 1.41
C PHE A 77 -25.97 -8.64 1.17
N TYR A 78 -25.26 -7.55 1.41
CA TYR A 78 -25.79 -6.21 1.27
C TYR A 78 -24.79 -5.31 0.55
N PHE A 79 -25.17 -4.86 -0.64
CA PHE A 79 -24.34 -3.96 -1.44
C PHE A 79 -24.75 -2.54 -1.04
N LYS A 80 -23.88 -1.87 -0.28
CA LYS A 80 -24.14 -0.53 0.21
C LYS A 80 -23.51 0.58 -0.62
N TYR A 81 -24.36 1.51 -1.07
CA TYR A 81 -23.92 2.66 -1.85
C TYR A 81 -24.44 3.96 -1.24
N CYS A 82 -24.21 5.09 -1.89
CA CYS A 82 -24.64 6.37 -1.33
C CYS A 82 -26.15 6.58 -1.38
N SER A 83 -26.66 7.35 -0.44
CA SER A 83 -28.10 7.64 -0.37
C SER A 83 -28.59 8.55 -1.52
N THR A 84 -27.64 9.14 -2.25
CA THR A 84 -27.99 9.99 -3.40
C THR A 84 -27.76 9.23 -4.71
N PHE A 85 -27.58 7.92 -4.58
CA PHE A 85 -27.39 7.01 -5.71
C PHE A 85 -26.20 7.35 -6.60
N ASP A 86 -25.17 7.98 -6.02
CA ASP A 86 -23.95 8.39 -6.75
C ASP A 86 -23.46 7.38 -7.77
N SER A 87 -23.50 7.79 -9.04
CA SER A 87 -23.09 6.94 -10.17
C SER A 87 -23.26 7.70 -11.49
N THR A 88 -23.03 7.00 -12.60
CA THR A 88 -23.20 7.53 -13.96
C THR A 88 -23.72 6.36 -14.80
N ALA A 89 -23.91 6.58 -16.10
CA ALA A 89 -24.41 5.51 -16.96
C ALA A 89 -23.51 4.27 -16.90
N LYS A 90 -22.27 4.47 -16.46
CA LYS A 90 -21.33 3.36 -16.27
C LYS A 90 -21.19 3.20 -14.77
N GLY A 91 -21.88 4.03 -13.99
CA GLY A 91 -21.86 4.02 -12.53
C GLY A 91 -22.07 2.60 -12.08
N ASN A 92 -21.02 2.15 -11.41
CA ASN A 92 -20.80 0.81 -10.89
C ASN A 92 -21.90 0.18 -10.07
N ILE A 93 -22.93 0.96 -9.70
CA ILE A 93 -24.01 0.39 -8.89
C ILE A 93 -24.66 -0.77 -9.63
N GLY A 94 -25.04 -0.53 -10.89
CA GLY A 94 -25.66 -1.55 -11.72
C GLY A 94 -24.74 -2.71 -12.04
N PRO A 95 -23.55 -2.43 -12.58
CA PRO A 95 -22.60 -3.50 -12.93
C PRO A 95 -22.28 -4.41 -11.73
N VAL A 96 -22.03 -3.80 -10.58
CA VAL A 96 -21.71 -4.55 -9.36
C VAL A 96 -22.88 -5.39 -8.90
N THR A 97 -24.09 -4.84 -8.96
CA THR A 97 -25.29 -5.57 -8.55
C THR A 97 -25.43 -6.80 -9.45
N ASP A 98 -25.25 -6.60 -10.74
CA ASP A 98 -25.37 -7.69 -11.70
C ASP A 98 -24.32 -8.77 -11.49
N ALA A 99 -23.08 -8.35 -11.24
CA ALA A 99 -22.00 -9.29 -11.00
C ALA A 99 -22.30 -10.11 -9.76
N LEU A 100 -22.79 -9.44 -8.72
CA LEU A 100 -23.15 -10.09 -7.46
C LEU A 100 -24.30 -11.06 -7.66
N LEU A 101 -25.31 -10.63 -8.40
CA LEU A 101 -26.48 -11.47 -8.68
C LEU A 101 -26.05 -12.72 -9.43
N ASP A 102 -25.18 -12.52 -10.42
CA ASP A 102 -24.67 -13.64 -11.21
C ASP A 102 -23.92 -14.66 -10.35
N GLU A 103 -22.96 -14.16 -9.58
CA GLU A 103 -22.16 -15.02 -8.72
C GLU A 103 -23.03 -15.81 -7.76
N LEU A 104 -24.10 -15.17 -7.28
CA LEU A 104 -25.02 -15.79 -6.34
C LEU A 104 -26.08 -16.74 -6.91
N ASN A 105 -26.25 -16.73 -8.25
CA ASN A 105 -27.27 -17.58 -8.89
C ASN A 105 -28.66 -17.10 -8.52
N GLU A 106 -28.77 -15.79 -8.32
CA GLU A 106 -30.02 -15.14 -7.99
C GLU A 106 -30.39 -14.23 -9.16
N ASP A 107 -31.66 -13.86 -9.26
CA ASP A 107 -32.09 -13.00 -10.37
C ASP A 107 -32.99 -11.82 -10.01
N PHE A 108 -33.05 -11.51 -8.72
CA PHE A 108 -33.87 -10.37 -8.27
C PHE A 108 -33.34 -9.79 -6.97
N THR A 109 -33.44 -8.47 -6.83
CA THR A 109 -32.98 -7.79 -5.63
C THR A 109 -33.71 -6.44 -5.55
N VAL A 110 -33.56 -5.74 -4.43
CA VAL A 110 -34.19 -4.42 -4.23
C VAL A 110 -33.17 -3.27 -4.26
N ILE A 111 -33.68 -2.07 -4.50
CA ILE A 111 -32.85 -0.87 -4.57
C ILE A 111 -33.49 0.19 -3.68
N THR A 112 -32.74 0.71 -2.72
CA THR A 112 -33.28 1.74 -1.86
C THR A 112 -32.27 2.57 -1.08
N PRO A 113 -31.94 3.77 -1.59
CA PRO A 113 -31.00 4.68 -0.94
C PRO A 113 -31.69 5.61 0.06
N ALA A 114 -32.80 5.16 0.61
CA ALA A 114 -33.71 5.89 1.47
C ALA A 114 -33.53 5.73 2.99
N LEU A 115 -33.81 6.84 3.66
CA LEU A 115 -33.81 6.99 5.11
C LEU A 115 -34.53 8.31 5.39
N PRO A 116 -35.86 8.31 5.27
CA PRO A 116 -36.73 9.49 5.42
C PRO A 116 -36.43 10.39 6.59
N VAL A 117 -36.04 9.82 7.73
CA VAL A 117 -35.76 10.63 8.90
C VAL A 117 -34.55 11.53 8.65
N ASN A 118 -33.64 11.06 7.81
CA ASN A 118 -32.45 11.82 7.47
C ASN A 118 -32.55 12.50 6.11
N GLY A 119 -33.77 12.86 5.73
CA GLY A 119 -34.01 13.57 4.49
C GLY A 119 -33.79 12.86 3.17
N ARG A 120 -33.83 11.54 3.16
CA ARG A 120 -33.67 10.79 1.91
C ARG A 120 -34.95 10.01 1.69
N THR A 121 -35.84 10.56 0.88
CA THR A 121 -37.12 9.93 0.59
C THR A 121 -37.32 9.53 -0.86
N ILE A 122 -38.08 8.46 -1.07
CA ILE A 122 -38.36 7.97 -2.42
C ILE A 122 -39.87 7.88 -2.68
N PHE A 123 -40.40 8.74 -3.54
CA PHE A 123 -41.81 8.66 -3.87
C PHE A 123 -42.00 8.48 -5.38
N ASN A 124 -42.70 7.41 -5.74
CA ASN A 124 -42.96 7.05 -7.13
C ASN A 124 -41.62 6.71 -7.79
N GLY A 125 -40.69 6.23 -6.99
CA GLY A 125 -39.38 5.86 -7.50
C GLY A 125 -38.47 7.05 -7.66
N TYR A 126 -38.96 8.24 -7.39
CA TYR A 126 -38.16 9.46 -7.49
C TYR A 126 -37.46 9.72 -6.15
N LEU A 127 -36.16 10.00 -6.20
CA LEU A 127 -35.40 10.28 -4.98
C LEU A 127 -35.42 11.76 -4.65
N PHE A 128 -35.72 12.06 -3.40
CA PHE A 128 -35.75 13.44 -2.92
C PHE A 128 -34.61 13.59 -1.92
N VAL A 129 -33.98 14.75 -1.95
CA VAL A 129 -32.89 15.08 -1.04
C VAL A 129 -33.31 16.34 -0.30
N GLY A 130 -33.91 16.04 0.84
CA GLY A 130 -34.53 16.98 1.74
C GLY A 130 -35.88 17.30 1.10
N ASP A 131 -36.15 18.59 0.88
CA ASP A 131 -37.41 19.02 0.28
C ASP A 131 -37.43 19.06 -1.26
N VAL A 132 -36.31 18.76 -1.90
CA VAL A 132 -36.26 18.83 -3.35
C VAL A 132 -35.87 17.52 -4.03
N LEU A 133 -36.18 17.44 -5.32
CA LEU A 133 -35.85 16.26 -6.14
C LEU A 133 -34.33 16.17 -6.18
N LEU A 134 -33.81 14.95 -6.34
CA LEU A 134 -32.37 14.72 -6.45
C LEU A 134 -31.79 15.61 -7.54
N SER A 135 -32.47 15.62 -8.70
CA SER A 135 -32.07 16.42 -9.84
C SER A 135 -32.09 17.94 -9.59
N GLU A 136 -32.69 18.35 -8.48
CA GLU A 136 -32.77 19.77 -8.13
C GLU A 136 -31.86 20.16 -6.97
N SER A 137 -31.26 19.16 -6.33
CA SER A 137 -30.38 19.37 -5.20
C SER A 137 -28.98 19.78 -5.66
N GLY A 138 -28.03 19.79 -4.73
CA GLY A 138 -26.66 20.14 -5.08
C GLY A 138 -26.07 19.04 -5.95
N MET A 139 -26.62 17.83 -5.85
CA MET A 139 -26.15 16.69 -6.63
C MET A 139 -26.21 16.92 -8.13
N LYS A 140 -27.08 17.82 -8.58
CA LYS A 140 -27.20 18.10 -10.00
C LYS A 140 -25.86 18.54 -10.59
N ASN A 141 -25.07 19.23 -9.78
CA ASN A 141 -23.76 19.73 -10.20
C ASN A 141 -22.65 19.10 -9.37
N HIS A 142 -22.73 17.80 -9.13
CA HIS A 142 -21.70 17.10 -8.35
C HIS A 142 -20.42 17.04 -9.19
N PRO A 143 -19.24 17.28 -8.56
CA PRO A 143 -17.90 17.29 -9.15
C PRO A 143 -17.43 16.00 -9.84
N ILE A 144 -17.96 14.86 -9.39
CA ILE A 144 -17.57 13.58 -9.97
C ILE A 144 -18.76 12.87 -10.62
N THR A 145 -19.85 12.70 -9.87
CA THR A 145 -21.05 12.01 -10.33
C THR A 145 -22.33 12.87 -10.28
N PRO A 146 -22.45 13.86 -11.18
CA PRO A 146 -23.64 14.71 -11.19
C PRO A 146 -24.92 13.92 -11.51
N MET A 147 -26.00 14.24 -10.79
CA MET A 147 -27.28 13.56 -10.95
C MET A 147 -28.36 14.52 -11.49
N VAL A 148 -28.75 14.34 -12.74
CA VAL A 148 -29.74 15.21 -13.36
C VAL A 148 -31.12 14.57 -13.52
N ASP A 149 -31.24 13.31 -13.11
CA ASP A 149 -32.50 12.59 -13.18
C ASP A 149 -32.79 12.09 -11.76
N ALA A 150 -34.00 12.34 -11.27
CA ALA A 150 -34.39 11.92 -9.93
C ALA A 150 -35.07 10.56 -9.90
N ASN A 151 -35.40 10.04 -11.08
CA ASN A 151 -36.08 8.74 -11.22
C ASN A 151 -35.09 7.57 -11.13
N LEU A 152 -35.18 6.81 -10.04
CA LEU A 152 -34.29 5.69 -9.77
C LEU A 152 -34.35 4.53 -10.76
N MET A 153 -35.53 4.19 -11.26
CA MET A 153 -35.65 3.12 -12.22
C MET A 153 -34.90 3.51 -13.50
N ARG A 154 -34.95 4.79 -13.84
CA ARG A 154 -34.27 5.30 -15.03
C ARG A 154 -32.76 5.34 -14.83
N LEU A 155 -32.35 5.75 -13.62
CA LEU A 155 -30.94 5.82 -13.28
C LEU A 155 -30.33 4.43 -13.29
N MET A 156 -31.02 3.47 -12.69
CA MET A 156 -30.50 2.11 -12.67
C MET A 156 -30.49 1.45 -14.05
N ASP A 157 -31.55 1.70 -14.83
CA ASP A 157 -31.67 1.12 -16.17
C ASP A 157 -30.53 1.53 -17.09
N ALA A 158 -30.06 2.77 -16.92
CA ALA A 158 -28.97 3.28 -17.73
C ALA A 158 -27.68 2.48 -17.59
N GLN A 159 -27.40 2.04 -16.37
CA GLN A 159 -26.18 1.30 -16.05
C GLN A 159 -26.34 -0.19 -15.75
N ALA A 160 -27.56 -0.72 -15.87
CA ALA A 160 -27.77 -2.14 -15.58
C ALA A 160 -28.03 -2.98 -16.82
N LYS A 161 -27.82 -4.29 -16.69
CA LYS A 161 -28.04 -5.23 -17.78
C LYS A 161 -29.52 -5.65 -17.82
N GLY A 162 -30.22 -5.48 -16.70
CA GLY A 162 -31.63 -5.84 -16.61
C GLY A 162 -32.55 -4.64 -16.50
N LYS A 163 -33.82 -4.90 -16.18
CA LYS A 163 -34.84 -3.85 -16.04
C LYS A 163 -35.30 -3.63 -14.60
N THR A 164 -35.49 -2.36 -14.25
CA THR A 164 -35.89 -1.95 -12.91
C THR A 164 -37.38 -1.63 -12.72
N GLY A 165 -37.99 -2.25 -11.71
CA GLY A 165 -39.40 -2.04 -11.41
C GLY A 165 -39.63 -1.14 -10.20
N LEU A 166 -40.88 -1.06 -9.75
CA LEU A 166 -41.24 -0.24 -8.58
C LEU A 166 -42.39 -0.86 -7.79
N VAL A 167 -42.23 -0.75 -6.47
CA VAL A 167 -43.14 -1.13 -5.41
C VAL A 167 -43.63 0.18 -4.86
N ALA A 168 -44.72 0.76 -5.35
CA ALA A 168 -45.15 2.05 -4.86
C ALA A 168 -45.58 2.16 -3.40
N TYR A 169 -45.54 3.39 -2.89
CA TYR A 169 -45.93 3.72 -1.53
C TYR A 169 -47.24 3.04 -1.13
N ALA A 170 -48.26 3.26 -1.95
CA ALA A 170 -49.59 2.71 -1.72
C ALA A 170 -49.56 1.23 -1.38
N ASP A 171 -48.60 0.49 -1.95
CA ASP A 171 -48.47 -0.93 -1.68
C ASP A 171 -47.59 -1.25 -0.47
N VAL A 172 -46.60 -0.41 -0.22
CA VAL A 172 -45.72 -0.66 0.91
C VAL A 172 -46.52 -0.50 2.21
N ILE A 173 -47.35 0.54 2.27
CA ILE A 173 -48.14 0.78 3.46
C ILE A 173 -49.13 -0.34 3.81
N LYS A 174 -49.24 -1.34 2.93
CA LYS A 174 -50.13 -2.46 3.18
C LYS A 174 -49.42 -3.62 3.87
N GLY A 175 -48.10 -3.53 4.00
CA GLY A 175 -47.37 -4.59 4.68
C GLY A 175 -46.35 -5.40 3.92
N ALA A 176 -45.63 -6.23 4.67
CA ALA A 176 -44.57 -7.09 4.14
C ALA A 176 -45.10 -8.09 3.13
N SER A 177 -46.21 -8.76 3.46
CA SER A 177 -46.81 -9.75 2.56
C SER A 177 -47.23 -9.15 1.22
N ARG A 178 -47.81 -7.96 1.25
CA ARG A 178 -48.23 -7.29 0.03
C ARG A 178 -47.01 -6.92 -0.82
N VAL A 179 -45.92 -6.54 -0.15
CA VAL A 179 -44.69 -6.18 -0.83
C VAL A 179 -44.13 -7.41 -1.54
N GLN A 180 -44.19 -8.56 -0.88
CA GLN A 180 -43.71 -9.80 -1.47
C GLN A 180 -44.56 -10.21 -2.67
N GLU A 181 -45.84 -9.86 -2.62
CA GLU A 181 -46.75 -10.16 -3.71
C GLU A 181 -46.38 -9.25 -4.88
N CYS A 182 -45.99 -8.02 -4.58
CA CYS A 182 -45.56 -7.09 -5.61
C CYS A 182 -44.20 -7.55 -6.17
N PHE A 183 -43.35 -8.11 -5.30
CA PHE A 183 -42.05 -8.62 -5.70
C PHE A 183 -42.26 -9.76 -6.69
N ALA A 184 -43.21 -10.63 -6.37
CA ALA A 184 -43.53 -11.78 -7.20
C ALA A 184 -44.09 -11.32 -8.54
N GLU A 185 -44.80 -10.21 -8.53
CA GLU A 185 -45.40 -9.62 -9.71
C GLU A 185 -44.34 -8.97 -10.60
N LEU A 186 -43.43 -8.20 -10.00
CA LEU A 186 -42.35 -7.54 -10.75
C LEU A 186 -41.44 -8.57 -11.41
N LYS A 187 -41.18 -9.68 -10.71
CA LYS A 187 -40.35 -10.76 -11.23
C LYS A 187 -40.99 -11.45 -12.44
N ALA A 188 -42.31 -11.60 -12.39
CA ALA A 188 -43.04 -12.23 -13.48
C ALA A 188 -43.01 -11.33 -14.71
N GLN A 189 -42.98 -10.01 -14.47
CA GLN A 189 -42.92 -9.03 -15.54
C GLN A 189 -41.52 -8.90 -16.14
N GLY A 190 -40.57 -9.68 -15.63
CA GLY A 190 -39.20 -9.67 -16.13
C GLY A 190 -38.25 -8.65 -15.53
N TYR A 191 -38.58 -8.14 -14.34
CA TYR A 191 -37.74 -7.17 -13.67
C TYR A 191 -36.67 -7.90 -12.87
N ARG A 192 -35.45 -7.36 -12.91
CA ARG A 192 -34.31 -7.94 -12.19
C ARG A 192 -34.06 -7.21 -10.87
N TYR A 193 -34.53 -5.97 -10.79
CA TYR A 193 -34.41 -5.15 -9.58
C TYR A 193 -35.71 -4.41 -9.33
N ALA A 194 -35.90 -3.99 -8.08
CA ALA A 194 -37.10 -3.28 -7.69
C ALA A 194 -36.84 -2.14 -6.74
N VAL A 195 -37.15 -0.92 -7.17
CA VAL A 195 -37.04 0.27 -6.34
C VAL A 195 -38.25 0.20 -5.40
N VAL A 196 -38.10 0.64 -4.17
CA VAL A 196 -39.20 0.62 -3.22
C VAL A 196 -39.30 1.99 -2.56
N ASP A 197 -40.50 2.55 -2.60
CA ASP A 197 -40.77 3.85 -2.02
C ASP A 197 -40.61 3.89 -0.49
N ALA A 198 -40.49 5.10 0.04
CA ALA A 198 -40.36 5.30 1.48
C ALA A 198 -40.31 6.78 1.77
N VAL A 199 -41.45 7.36 2.15
CA VAL A 199 -41.50 8.78 2.49
C VAL A 199 -41.51 8.92 4.01
N ASP A 200 -41.59 7.77 4.67
CA ASP A 200 -41.62 7.65 6.12
C ASP A 200 -40.81 6.42 6.51
N ASN A 201 -40.14 6.47 7.67
CA ASN A 201 -39.31 5.36 8.13
C ASN A 201 -39.96 4.01 8.31
N SER A 202 -41.26 3.98 8.60
CA SER A 202 -41.93 2.70 8.77
C SER A 202 -41.90 1.88 7.48
N GLN A 203 -41.75 2.56 6.34
CA GLN A 203 -41.69 1.87 5.05
C GLN A 203 -40.43 1.00 4.94
N LEU A 204 -39.35 1.40 5.62
CA LEU A 204 -38.09 0.65 5.61
C LEU A 204 -38.21 -0.54 6.54
N GLU A 205 -39.03 -0.37 7.56
CA GLU A 205 -39.31 -1.39 8.55
C GLU A 205 -40.10 -2.53 7.86
N VAL A 206 -41.01 -2.15 6.97
CA VAL A 206 -41.83 -3.09 6.22
C VAL A 206 -40.94 -3.85 5.23
N LEU A 207 -40.15 -3.10 4.46
CA LEU A 207 -39.23 -3.66 3.48
C LEU A 207 -38.25 -4.62 4.16
N ALA A 208 -37.68 -4.18 5.29
CA ALA A 208 -36.75 -5.00 6.06
C ALA A 208 -37.32 -6.39 6.31
N GLU A 209 -38.60 -6.43 6.66
CA GLU A 209 -39.30 -7.67 6.93
C GLU A 209 -39.54 -8.44 5.64
N ALA A 210 -39.85 -7.73 4.56
CA ALA A 210 -40.11 -8.33 3.26
C ALA A 210 -38.85 -9.00 2.66
N VAL A 211 -37.70 -8.35 2.80
CA VAL A 211 -36.44 -8.88 2.28
C VAL A 211 -35.67 -9.77 3.26
N ALA A 212 -36.37 -10.33 4.24
CA ALA A 212 -35.76 -11.19 5.25
C ALA A 212 -35.09 -12.45 4.73
N ASP A 213 -35.48 -12.91 3.55
CA ASP A 213 -34.89 -14.12 2.98
C ASP A 213 -34.14 -13.91 1.68
N PHE A 214 -34.00 -12.65 1.27
CA PHE A 214 -33.27 -12.30 0.06
C PHE A 214 -31.78 -12.62 0.28
N LYS A 215 -31.16 -13.28 -0.70
CA LYS A 215 -29.75 -13.64 -0.64
C LYS A 215 -28.93 -12.36 -0.78
N LEU A 216 -29.50 -11.39 -1.49
CA LEU A 216 -28.87 -10.09 -1.74
C LEU A 216 -29.84 -8.89 -1.75
N VAL A 217 -29.42 -7.81 -1.10
CA VAL A 217 -30.21 -6.58 -1.08
C VAL A 217 -29.24 -5.41 -1.30
N THR A 218 -29.75 -4.29 -1.79
CA THR A 218 -28.91 -3.11 -2.03
C THR A 218 -29.57 -1.84 -1.48
N GLY A 219 -28.75 -0.84 -1.17
CA GLY A 219 -29.29 0.41 -0.67
C GLY A 219 -28.29 1.24 0.10
N GLY A 220 -28.79 2.27 0.79
CA GLY A 220 -27.95 3.11 1.61
C GLY A 220 -27.88 2.52 3.01
N SER A 221 -27.91 3.37 4.03
CA SER A 221 -27.86 2.86 5.40
C SER A 221 -29.25 2.60 5.97
N GLY A 222 -30.25 3.30 5.44
CA GLY A 222 -31.61 3.16 5.91
C GLY A 222 -32.14 1.74 6.03
N LEU A 223 -32.07 0.96 4.95
CA LEU A 223 -32.56 -0.41 4.99
C LEU A 223 -31.74 -1.29 5.90
N GLY A 224 -30.42 -1.15 5.79
CA GLY A 224 -29.51 -1.95 6.60
C GLY A 224 -29.80 -1.82 8.07
N ALA A 225 -30.13 -0.59 8.49
CA ALA A 225 -30.46 -0.28 9.88
C ALA A 225 -31.68 -1.05 10.36
N TYR A 226 -32.74 -1.05 9.54
CA TYR A 226 -33.96 -1.75 9.87
C TYR A 226 -33.81 -3.25 9.80
N MET A 227 -32.86 -3.71 9.00
CA MET A 227 -32.59 -5.14 8.88
C MET A 227 -31.88 -5.60 10.17
N ALA A 228 -31.03 -4.74 10.71
CA ALA A 228 -30.32 -5.02 11.94
C ALA A 228 -31.34 -5.03 13.09
N ALA A 229 -32.21 -4.02 13.12
CA ALA A 229 -33.25 -3.94 14.15
C ALA A 229 -34.17 -5.15 14.15
N ARG A 230 -34.47 -5.68 12.97
CA ARG A 230 -35.35 -6.85 12.90
C ARG A 230 -34.60 -8.09 13.41
N LEU A 231 -33.39 -8.28 12.90
CA LEU A 231 -32.53 -9.41 13.28
C LEU A 231 -32.20 -9.44 14.76
N SER A 232 -32.06 -8.27 15.37
CA SER A 232 -31.73 -8.17 16.79
C SER A 232 -32.97 -8.20 17.69
N GLY A 233 -34.14 -7.91 17.12
CA GLY A 233 -35.36 -7.89 17.89
C GLY A 233 -35.55 -6.55 18.60
N GLY A 234 -35.16 -5.47 17.93
CA GLY A 234 -35.29 -4.12 18.49
C GLY A 234 -34.17 -3.67 19.43
N LYS A 235 -33.18 -4.53 19.64
CA LYS A 235 -32.05 -4.22 20.52
C LYS A 235 -31.32 -2.97 20.04
N LYS A 236 -30.75 -2.23 20.98
CA LYS A 236 -30.00 -1.03 20.64
C LYS A 236 -28.51 -1.19 20.98
N GLY A 237 -27.73 -0.12 20.79
CA GLY A 237 -26.31 -0.19 21.07
C GLY A 237 -25.91 0.12 22.50
N THR A 238 -26.85 -0.03 23.43
CA THR A 238 -26.58 0.24 24.85
C THR A 238 -25.55 -0.69 25.47
N ASN A 239 -25.42 -1.88 24.89
CA ASN A 239 -24.47 -2.89 25.38
C ASN A 239 -23.28 -3.12 24.46
N ALA A 240 -23.00 -2.16 23.60
CA ALA A 240 -21.84 -2.26 22.71
C ALA A 240 -20.64 -2.03 23.62
N PHE A 241 -19.56 -2.75 23.36
CA PHE A 241 -18.34 -2.66 24.17
C PHE A 241 -17.68 -1.30 24.24
N THR A 242 -16.87 -1.14 25.28
CA THR A 242 -16.06 0.06 25.52
C THR A 242 -14.67 -0.47 25.94
N PRO A 243 -13.64 0.40 26.00
CA PRO A 243 -12.34 -0.12 26.40
C PRO A 243 -12.34 -0.60 27.85
N THR A 244 -11.57 -1.64 28.12
CA THR A 244 -11.45 -2.12 29.49
C THR A 244 -10.34 -1.28 30.12
N LYS A 245 -10.29 -1.24 31.45
CA LYS A 245 -9.26 -0.46 32.14
C LYS A 245 -7.84 -0.76 31.66
N GLY A 246 -7.17 0.30 31.22
CA GLY A 246 -5.81 0.22 30.72
C GLY A 246 -5.24 1.60 30.51
N LYS A 247 -3.98 1.68 30.07
CA LYS A 247 -3.33 2.97 29.84
C LYS A 247 -3.95 3.61 28.59
N THR A 248 -4.14 4.92 28.62
CA THR A 248 -4.76 5.63 27.49
C THR A 248 -3.96 6.86 27.11
N VAL A 249 -4.05 7.26 25.83
CA VAL A 249 -3.37 8.43 25.33
C VAL A 249 -4.21 9.16 24.27
N VAL A 250 -4.16 10.48 24.31
CA VAL A 250 -4.88 11.34 23.37
C VAL A 250 -3.85 11.99 22.45
N LEU A 251 -4.01 11.79 21.15
CA LEU A 251 -3.11 12.37 20.15
C LEU A 251 -3.95 13.25 19.22
N SER A 252 -3.88 14.56 19.43
CA SER A 252 -4.66 15.54 18.66
C SER A 252 -3.86 16.35 17.64
N GLY A 253 -4.24 16.26 16.38
CA GLY A 253 -3.53 17.00 15.34
C GLY A 253 -4.36 17.98 14.52
N SER A 254 -5.68 17.86 14.59
CA SER A 254 -6.58 18.73 13.83
C SER A 254 -6.62 20.17 14.32
N CYS A 255 -6.72 21.10 13.38
CA CYS A 255 -6.78 22.52 13.72
C CYS A 255 -8.13 23.13 13.33
N SER A 256 -9.17 22.31 13.38
CA SER A 256 -10.52 22.75 13.07
C SER A 256 -11.12 23.47 14.26
N VAL A 257 -12.10 24.34 14.00
CA VAL A 257 -12.76 25.10 15.05
C VAL A 257 -13.22 24.24 16.22
N MET A 258 -13.85 23.10 15.93
CA MET A 258 -14.35 22.20 16.97
C MET A 258 -13.24 21.53 17.78
N THR A 259 -12.17 21.12 17.10
CA THR A 259 -11.05 20.47 17.77
C THR A 259 -10.31 21.44 18.69
N ASN A 260 -10.11 22.67 18.23
CA ASN A 260 -9.42 23.68 19.01
C ASN A 260 -10.12 23.92 20.34
N LYS A 261 -11.45 23.84 20.31
CA LYS A 261 -12.25 24.04 21.51
C LYS A 261 -12.17 22.80 22.41
N GLN A 262 -12.16 21.63 21.80
CA GLN A 262 -12.08 20.36 22.55
C GLN A 262 -10.73 20.24 23.26
N VAL A 263 -9.70 20.81 22.66
CA VAL A 263 -8.34 20.81 23.22
C VAL A 263 -8.27 21.85 24.34
N GLU A 264 -8.82 23.01 24.06
CA GLU A 264 -8.86 24.13 25.00
C GLU A 264 -9.65 23.76 26.27
N LYS A 265 -10.59 22.83 26.13
CA LYS A 265 -11.41 22.41 27.26
C LYS A 265 -10.77 21.23 28.01
N TYR A 266 -10.00 20.42 27.29
CA TYR A 266 -9.34 19.26 27.88
C TYR A 266 -8.01 19.56 28.58
N ARG A 267 -7.23 20.49 28.03
CA ARG A 267 -5.95 20.85 28.63
C ARG A 267 -6.16 21.36 30.06
N GLU A 268 -7.41 21.67 30.36
CA GLU A 268 -7.82 22.17 31.66
C GLU A 268 -7.99 20.97 32.61
N LYS A 269 -8.29 19.81 32.04
CA LYS A 269 -8.53 18.59 32.80
C LYS A 269 -7.38 17.57 32.90
N ALA A 270 -6.41 17.61 31.98
CA ALA A 270 -5.34 16.62 32.00
C ALA A 270 -3.95 17.07 31.53
N PRO A 271 -2.92 16.22 31.75
CA PRO A 271 -1.55 16.55 31.34
C PRO A 271 -1.54 16.82 29.83
N HIS A 272 -0.95 17.93 29.43
CA HIS A 272 -0.92 18.27 28.02
C HIS A 272 0.44 18.77 27.58
N PHE A 273 0.87 18.28 26.42
CA PHE A 273 2.15 18.65 25.86
C PHE A 273 1.89 19.08 24.43
N GLN A 274 2.05 20.37 24.15
CA GLN A 274 1.84 20.87 22.81
C GLN A 274 2.99 20.47 21.87
N LEU A 275 2.65 19.77 20.79
CA LEU A 275 3.64 19.35 19.81
C LEU A 275 4.09 20.57 19.01
N ASP A 276 5.36 20.93 19.15
CA ASP A 276 5.94 22.07 18.45
C ASP A 276 6.49 21.60 17.10
N VAL A 277 6.05 22.25 16.01
CA VAL A 277 6.47 21.87 14.66
C VAL A 277 7.96 22.08 14.35
N GLU A 278 8.56 23.11 14.94
CA GLU A 278 9.97 23.40 14.72
C GLU A 278 10.84 22.24 15.26
N GLN A 279 10.44 21.72 16.42
CA GLN A 279 11.15 20.63 17.06
C GLN A 279 10.91 19.29 16.38
N ALA A 280 9.73 19.14 15.78
CA ALA A 280 9.38 17.89 15.10
C ALA A 280 10.30 17.63 13.90
N ILE A 281 10.76 18.71 13.27
CA ILE A 281 11.63 18.61 12.12
C ILE A 281 13.12 18.62 12.52
N HIS A 282 13.55 19.46 13.48
CA HIS A 282 14.99 19.49 13.75
C HIS A 282 15.47 18.75 14.98
N ASN A 283 14.67 18.56 16.04
CA ASN A 283 15.22 17.83 17.18
C ASN A 283 14.99 16.33 16.93
N GLU A 284 16.08 15.58 16.85
CA GLU A 284 16.01 14.14 16.61
C GLU A 284 15.54 13.32 17.82
N ASN A 285 15.70 13.88 19.01
CA ASN A 285 15.29 13.20 20.23
C ASN A 285 13.89 13.58 20.68
N TYR A 286 13.17 14.30 19.82
CA TYR A 286 11.81 14.74 20.15
C TYR A 286 10.84 13.61 20.42
N ILE A 287 10.92 12.55 19.62
CA ILE A 287 10.03 11.42 19.80
C ILE A 287 10.34 10.72 21.13
N GLU A 288 11.61 10.66 21.50
CA GLU A 288 11.99 10.02 22.75
C GLU A 288 11.55 10.86 23.95
N GLN A 289 11.61 12.17 23.80
CA GLN A 289 11.19 13.06 24.89
C GLN A 289 9.69 12.92 25.12
N LEU A 290 8.91 12.98 24.05
CA LEU A 290 7.45 12.86 24.11
C LEU A 290 7.04 11.51 24.69
N TYR A 291 7.74 10.45 24.29
CA TYR A 291 7.45 9.10 24.77
C TYR A 291 7.61 9.01 26.29
N GLN A 292 8.74 9.51 26.78
CA GLN A 292 9.03 9.49 28.20
C GLN A 292 8.01 10.30 28.96
N TRP A 293 7.68 11.48 28.44
CA TRP A 293 6.68 12.36 29.06
C TRP A 293 5.31 11.66 29.17
N VAL A 294 4.85 11.04 28.08
CA VAL A 294 3.55 10.35 28.09
C VAL A 294 3.48 9.27 29.17
N ILE A 295 4.41 8.33 29.14
CA ILE A 295 4.43 7.23 30.09
C ILE A 295 4.59 7.66 31.55
N ALA A 296 5.20 8.82 31.77
CA ALA A 296 5.41 9.34 33.11
C ALA A 296 4.18 10.09 33.61
N ASN A 297 3.19 10.22 32.73
CA ASN A 297 1.95 10.90 33.07
C ASN A 297 0.76 10.00 32.75
N LEU A 298 0.99 8.70 32.74
CA LEU A 298 -0.05 7.72 32.46
C LEU A 298 -0.88 7.36 33.68
N ASP A 299 -0.57 7.99 34.81
CA ASP A 299 -1.30 7.68 36.03
C ASP A 299 -2.26 8.75 36.53
N SER A 300 -2.41 9.83 35.77
CA SER A 300 -3.34 10.89 36.15
C SER A 300 -4.76 10.37 35.95
N GLU A 301 -5.76 11.10 36.45
CA GLU A 301 -7.14 10.66 36.29
C GLU A 301 -7.52 10.59 34.82
N PHE A 302 -7.07 11.57 34.04
CA PHE A 302 -7.35 11.60 32.61
C PHE A 302 -6.07 11.42 31.79
N ALA A 303 -6.19 10.63 30.72
CA ALA A 303 -5.07 10.34 29.83
C ALA A 303 -4.31 11.58 29.39
N PRO A 304 -2.97 11.48 29.29
CA PRO A 304 -2.16 12.62 28.86
C PRO A 304 -2.37 12.93 27.38
N MET A 305 -2.31 14.20 27.01
CA MET A 305 -2.52 14.58 25.62
C MET A 305 -1.36 15.37 25.01
N VAL A 306 -0.91 14.83 23.87
CA VAL A 306 0.10 15.35 22.98
C VAL A 306 -0.68 15.92 21.79
N TYR A 307 -0.58 17.23 21.56
CA TYR A 307 -1.35 17.84 20.49
C TYR A 307 -0.64 18.83 19.58
N ALA A 308 -1.05 18.84 18.32
CA ALA A 308 -0.52 19.76 17.32
C ALA A 308 -1.58 20.85 17.11
N THR A 309 -2.79 20.56 17.57
CA THR A 309 -3.93 21.46 17.46
C THR A 309 -3.70 22.92 17.85
N VAL A 310 -3.77 23.82 16.87
CA VAL A 310 -3.62 25.25 17.07
C VAL A 310 -4.69 25.95 16.23
N PRO A 311 -5.10 27.17 16.62
CA PRO A 311 -6.12 27.92 15.88
C PRO A 311 -5.82 27.95 14.39
N PRO A 312 -6.87 27.87 13.54
CA PRO A 312 -6.68 27.90 12.09
C PRO A 312 -5.88 29.11 11.62
N ASP A 313 -5.82 30.13 12.47
CA ASP A 313 -5.06 31.34 12.20
C ASP A 313 -3.57 31.06 12.38
N ALA A 314 -3.22 30.55 13.56
CA ALA A 314 -1.82 30.23 13.91
C ALA A 314 -1.26 29.12 13.04
N LEU A 315 -2.15 28.27 12.52
CA LEU A 315 -1.75 27.16 11.66
C LEU A 315 -1.32 27.66 10.29
N LYS A 316 -2.12 28.55 9.70
CA LYS A 316 -1.83 29.11 8.40
C LYS A 316 -0.50 29.88 8.46
N ALA A 317 -0.17 30.37 9.65
CA ALA A 317 1.06 31.11 9.88
C ALA A 317 2.27 30.17 9.88
N ILE A 318 2.05 28.93 10.32
CA ILE A 318 3.10 27.91 10.35
C ILE A 318 3.27 27.37 8.93
N GLN A 319 2.14 27.13 8.26
CA GLN A 319 2.13 26.61 6.89
C GLN A 319 2.90 27.53 5.96
N HIS A 320 2.90 28.82 6.27
CA HIS A 320 3.60 29.80 5.46
C HIS A 320 4.95 30.21 6.04
N GLN A 321 5.60 29.29 6.73
CA GLN A 321 6.92 29.53 7.31
C GLN A 321 7.77 28.26 7.29
N PHE A 322 7.12 27.11 7.45
CA PHE A 322 7.81 25.82 7.42
C PHE A 322 7.37 25.04 6.18
N GLY A 323 6.29 25.49 5.55
CA GLY A 323 5.77 24.82 4.37
C GLY A 323 4.64 23.89 4.73
N VAL A 324 3.57 23.91 3.93
CA VAL A 324 2.41 23.07 4.15
C VAL A 324 2.73 21.57 4.28
N ASP A 325 3.53 21.06 3.35
CA ASP A 325 3.90 19.64 3.37
C ASP A 325 5.02 19.27 4.34
N GLN A 326 5.95 20.19 4.58
CA GLN A 326 7.06 19.95 5.49
C GLN A 326 6.57 19.82 6.92
N ALA A 327 5.63 20.69 7.30
CA ALA A 327 5.04 20.71 8.63
C ALA A 327 4.03 19.57 8.83
N SER A 328 3.35 19.20 7.76
CA SER A 328 2.37 18.13 7.77
C SER A 328 3.06 16.79 8.08
N HIS A 329 4.21 16.57 7.45
CA HIS A 329 4.97 15.33 7.62
C HIS A 329 5.57 15.20 9.01
N ALA A 330 6.20 16.27 9.49
CA ALA A 330 6.82 16.28 10.80
C ALA A 330 5.82 15.83 11.87
N ILE A 331 4.63 16.42 11.84
CA ILE A 331 3.54 16.11 12.77
C ILE A 331 3.06 14.65 12.63
N GLU A 332 2.82 14.22 11.39
CA GLU A 332 2.36 12.86 11.11
C GLU A 332 3.37 11.79 11.48
N ASN A 333 4.64 12.02 11.12
CA ASN A 333 5.70 11.07 11.42
C ASN A 333 5.90 10.96 12.93
N THR A 334 5.75 12.08 13.64
CA THR A 334 5.92 12.10 15.08
C THR A 334 4.84 11.30 15.81
N PHE A 335 3.58 11.55 15.49
CA PHE A 335 2.47 10.83 16.11
C PHE A 335 2.59 9.34 15.81
N ALA A 336 2.93 9.02 14.57
CA ALA A 336 3.07 7.65 14.13
C ALA A 336 4.16 6.92 14.90
N LYS A 337 5.33 7.54 15.01
CA LYS A 337 6.43 6.89 15.72
C LYS A 337 6.22 6.83 17.24
N LEU A 338 5.48 7.80 17.77
CA LEU A 338 5.18 7.83 19.19
C LEU A 338 4.15 6.76 19.50
N ALA A 339 3.13 6.67 18.66
CA ALA A 339 2.07 5.69 18.84
C ALA A 339 2.60 4.28 18.80
N ALA A 340 3.60 4.05 17.96
CA ALA A 340 4.21 2.74 17.84
C ALA A 340 5.01 2.38 19.09
N LYS A 341 5.70 3.38 19.65
CA LYS A 341 6.50 3.19 20.86
C LYS A 341 5.60 2.96 22.07
N LEU A 342 4.51 3.72 22.14
CA LEU A 342 3.56 3.61 23.24
C LEU A 342 2.87 2.25 23.24
N LYS A 343 2.56 1.72 22.06
CA LYS A 343 1.91 0.42 21.98
C LYS A 343 2.86 -0.68 22.46
N GLN A 344 4.12 -0.57 22.06
CA GLN A 344 5.13 -1.54 22.48
C GLN A 344 5.31 -1.48 23.99
N TYR A 345 5.21 -0.28 24.55
CA TYR A 345 5.34 -0.08 25.99
C TYR A 345 4.15 -0.69 26.76
N GLY A 346 2.96 -0.60 26.19
CA GLY A 346 1.80 -1.17 26.85
C GLY A 346 0.53 -0.34 26.87
N VAL A 347 0.50 0.77 26.12
CA VAL A 347 -0.70 1.60 26.06
C VAL A 347 -1.70 0.85 25.18
N THR A 348 -2.93 0.68 25.67
CA THR A 348 -3.95 -0.05 24.94
C THR A 348 -5.12 0.74 24.37
N ASN A 349 -5.24 2.00 24.78
CA ASN A 349 -6.34 2.85 24.30
C ASN A 349 -5.79 4.10 23.63
N PHE A 350 -6.17 4.34 22.37
CA PHE A 350 -5.72 5.52 21.65
C PHE A 350 -6.91 6.38 21.21
N ILE A 351 -6.87 7.65 21.59
CA ILE A 351 -7.92 8.59 21.22
C ILE A 351 -7.31 9.65 20.31
N THR A 352 -7.58 9.56 19.03
CA THR A 352 -7.03 10.52 18.07
C THR A 352 -8.04 11.58 17.61
N ALA A 353 -7.51 12.70 17.15
CA ALA A 353 -8.34 13.81 16.66
C ALA A 353 -7.77 14.29 15.33
N GLY A 354 -8.62 14.35 14.32
CA GLY A 354 -8.18 14.77 13.00
C GLY A 354 -8.16 13.62 12.02
N GLY A 355 -8.54 13.89 10.78
CA GLY A 355 -8.57 12.86 9.75
C GLY A 355 -7.23 12.25 9.45
N GLU A 356 -6.23 13.09 9.20
CA GLU A 356 -4.89 12.61 8.89
C GLU A 356 -4.19 11.94 10.08
N THR A 357 -4.33 12.54 11.27
CA THR A 357 -3.71 11.99 12.47
C THR A 357 -4.24 10.57 12.76
N SER A 358 -5.53 10.36 12.59
CA SER A 358 -6.14 9.06 12.83
C SER A 358 -5.66 8.01 11.83
N SER A 359 -5.59 8.39 10.56
CA SER A 359 -5.16 7.47 9.51
C SER A 359 -3.72 7.00 9.73
N ILE A 360 -2.83 7.95 10.01
CA ILE A 360 -1.41 7.68 10.23
C ILE A 360 -1.16 6.74 11.43
N VAL A 361 -1.88 6.96 12.52
CA VAL A 361 -1.75 6.13 13.73
C VAL A 361 -2.28 4.71 13.51
N VAL A 362 -3.37 4.58 12.75
CA VAL A 362 -3.94 3.27 12.44
C VAL A 362 -2.99 2.56 11.47
N GLN A 363 -2.41 3.33 10.55
CA GLN A 363 -1.49 2.81 9.54
C GLN A 363 -0.23 2.24 10.19
N GLU A 364 0.35 3.02 11.09
CA GLU A 364 1.55 2.64 11.82
C GLU A 364 1.34 1.39 12.68
N LEU A 365 0.26 1.36 13.47
CA LEU A 365 -0.03 0.21 14.31
C LEU A 365 -0.34 -1.04 13.51
N GLY A 366 -0.65 -0.86 12.23
CA GLY A 366 -0.90 -1.97 11.32
C GLY A 366 -2.26 -2.65 11.35
N PHE A 367 -3.29 -1.96 11.83
CA PHE A 367 -4.63 -2.53 11.92
C PHE A 367 -5.38 -2.51 10.58
N THR A 368 -5.99 -3.64 10.25
CA THR A 368 -6.71 -3.82 8.99
C THR A 368 -8.23 -3.80 9.12
N GLY A 369 -8.72 -3.85 10.35
CA GLY A 369 -10.14 -3.86 10.59
C GLY A 369 -10.40 -3.64 12.06
N PHE A 370 -11.66 -3.43 12.42
CA PHE A 370 -12.01 -3.17 13.80
C PHE A 370 -13.38 -3.70 14.17
N HIS A 371 -13.58 -3.95 15.45
CA HIS A 371 -14.85 -4.37 15.98
C HIS A 371 -15.58 -3.07 16.35
N ILE A 372 -16.78 -2.81 15.83
CA ILE A 372 -17.41 -1.53 16.20
C ILE A 372 -18.13 -1.60 17.55
N GLY A 373 -17.83 -0.62 18.39
CA GLY A 373 -18.41 -0.55 19.72
C GLY A 373 -19.29 0.65 20.02
N LYS A 374 -19.49 0.90 21.31
CA LYS A 374 -20.35 1.99 21.78
C LYS A 374 -20.03 3.36 21.21
N GLN A 375 -21.10 4.06 20.85
CA GLN A 375 -21.00 5.39 20.26
C GLN A 375 -20.68 6.47 21.29
N ILE A 376 -19.52 7.10 21.13
CA ILE A 376 -19.06 8.17 22.01
C ILE A 376 -19.81 9.43 21.60
N ALA A 377 -19.90 9.63 20.29
CA ALA A 377 -20.59 10.77 19.70
C ALA A 377 -21.00 10.32 18.30
N PRO A 378 -21.97 11.02 17.68
CA PRO A 378 -22.38 10.61 16.34
C PRO A 378 -21.16 10.63 15.41
N GLY A 379 -20.86 9.47 14.83
CA GLY A 379 -19.72 9.35 13.94
C GLY A 379 -18.43 8.94 14.63
N VAL A 380 -18.46 8.83 15.95
CA VAL A 380 -17.27 8.44 16.71
C VAL A 380 -17.50 7.25 17.65
N PRO A 381 -17.51 6.03 17.11
CA PRO A 381 -17.72 4.87 17.98
C PRO A 381 -16.37 4.39 18.59
N TRP A 382 -16.45 3.53 19.59
CA TRP A 382 -15.25 2.96 20.19
C TRP A 382 -14.88 1.79 19.29
N LEU A 383 -13.59 1.60 19.07
CA LEU A 383 -13.13 0.51 18.20
C LEU A 383 -12.17 -0.42 18.94
N LYS A 384 -11.95 -1.59 18.36
CA LYS A 384 -11.00 -2.53 18.90
C LYS A 384 -10.47 -3.29 17.72
N ALA A 385 -9.15 -3.29 17.58
CA ALA A 385 -8.48 -3.96 16.49
C ALA A 385 -8.85 -5.44 16.47
N VAL A 386 -8.87 -6.02 15.27
CA VAL A 386 -9.16 -7.45 15.16
C VAL A 386 -7.90 -8.27 15.48
N GLU A 387 -6.73 -7.66 15.24
CA GLU A 387 -5.42 -8.28 15.46
C GLU A 387 -5.02 -8.46 16.93
N GLU A 388 -5.40 -7.51 17.77
CA GLU A 388 -5.06 -7.55 19.19
C GLU A 388 -5.93 -6.61 20.03
N ASP A 389 -5.94 -6.84 21.34
CA ASP A 389 -6.73 -6.04 22.28
C ASP A 389 -6.34 -4.57 22.41
N ILE A 390 -6.47 -3.81 21.32
CA ILE A 390 -6.16 -2.39 21.33
C ILE A 390 -7.41 -1.63 20.94
N PHE A 391 -7.76 -0.61 21.73
CA PHE A 391 -8.94 0.20 21.47
C PHE A 391 -8.58 1.57 20.94
N LEU A 392 -9.38 2.08 20.02
CA LEU A 392 -9.14 3.39 19.42
C LEU A 392 -10.44 4.19 19.20
N ALA A 393 -10.35 5.51 19.38
CA ALA A 393 -11.47 6.42 19.17
C ALA A 393 -10.91 7.44 18.19
N LEU A 394 -11.34 7.32 16.94
CA LEU A 394 -10.89 8.21 15.87
C LEU A 394 -11.89 9.34 15.65
N LYS A 395 -11.53 10.55 16.04
CA LYS A 395 -12.42 11.70 15.89
C LYS A 395 -12.02 12.66 14.77
N SER A 396 -12.77 12.65 13.68
CA SER A 396 -12.49 13.59 12.58
C SER A 396 -12.74 14.98 13.20
N GLY A 397 -12.18 15.99 12.54
CA GLY A 397 -12.21 17.35 13.10
C GLY A 397 -13.55 17.96 13.45
N ASN A 398 -14.63 17.56 12.79
CA ASN A 398 -15.92 18.16 13.06
C ASN A 398 -16.83 17.50 14.10
N PHE A 399 -16.64 16.22 14.32
CA PHE A 399 -17.49 15.47 15.26
C PHE A 399 -17.22 15.76 16.74
N GLY A 400 -18.12 15.28 17.59
CA GLY A 400 -18.00 15.46 19.02
C GLY A 400 -18.35 16.83 19.59
N LYS A 401 -18.83 16.82 20.82
CA LYS A 401 -19.17 18.07 21.50
C LYS A 401 -17.88 18.61 22.13
N GLU A 402 -17.96 19.77 22.77
CA GLU A 402 -16.79 20.38 23.39
C GLU A 402 -16.00 19.49 24.35
N ASP A 403 -16.73 18.78 25.21
CA ASP A 403 -16.09 17.90 26.19
C ASP A 403 -15.77 16.51 25.67
N PHE A 404 -15.54 16.38 24.36
CA PHE A 404 -15.24 15.08 23.77
C PHE A 404 -14.12 14.25 24.40
N PHE A 405 -12.93 14.82 24.55
CA PHE A 405 -11.83 14.04 25.11
C PHE A 405 -12.07 13.37 26.45
N GLU A 406 -12.53 14.13 27.44
CA GLU A 406 -12.81 13.54 28.75
C GLU A 406 -14.03 12.61 28.71
N TYR A 407 -15.03 12.99 27.91
CA TYR A 407 -16.24 12.18 27.78
C TYR A 407 -15.94 10.79 27.23
N ALA A 408 -15.16 10.73 26.16
CA ALA A 408 -14.78 9.46 25.55
C ALA A 408 -14.22 8.50 26.61
N GLN A 409 -13.51 9.06 27.58
CA GLN A 409 -12.92 8.29 28.67
C GLN A 409 -13.92 8.03 29.81
N GLY A 410 -14.73 9.03 30.11
CA GLY A 410 -15.71 8.90 31.17
C GLY A 410 -16.60 7.69 31.10
N MET A 411 -17.01 7.27 29.91
CA MET A 411 -17.89 6.12 29.78
C MET A 411 -17.33 4.75 30.17
N PHE A 412 -16.02 4.56 30.07
CA PHE A 412 -15.46 3.27 30.46
C PHE A 412 -14.73 3.29 31.80
N LEU A 413 -14.98 4.33 32.60
CA LEU A 413 -14.37 4.47 33.91
C LEU A 413 -15.42 4.25 35.01
N LEU B 2 14.54 3.09 7.60
CA LEU B 2 15.82 2.98 6.81
C LEU B 2 15.61 3.29 5.34
N GLY B 3 16.25 4.36 4.87
CA GLY B 3 16.14 4.74 3.48
C GLY B 3 17.42 4.46 2.70
N VAL B 4 17.32 3.66 1.66
CA VAL B 4 18.45 3.31 0.82
C VAL B 4 18.46 4.15 -0.45
N ILE B 5 19.63 4.73 -0.77
CA ILE B 5 19.82 5.55 -1.98
C ILE B 5 20.78 4.76 -2.88
N ALA B 6 20.24 3.95 -3.78
CA ALA B 6 21.04 3.13 -4.68
C ALA B 6 21.41 3.86 -5.97
N ASP B 7 22.61 3.59 -6.48
CA ASP B 7 23.11 4.24 -7.70
C ASP B 7 22.74 3.59 -9.04
N ASP B 8 22.13 2.42 -9.01
CA ASP B 8 21.70 1.77 -10.24
C ASP B 8 20.43 0.96 -10.00
N PHE B 9 19.79 0.51 -11.07
CA PHE B 9 18.56 -0.27 -10.94
C PHE B 9 18.83 -1.71 -10.47
N THR B 10 19.79 -2.37 -11.11
CA THR B 10 20.13 -3.75 -10.74
C THR B 10 20.49 -3.87 -9.26
N GLY B 11 21.30 -2.92 -8.77
CA GLY B 11 21.71 -2.93 -7.37
C GLY B 11 20.58 -2.62 -6.42
N ALA B 12 19.74 -1.65 -6.81
CA ALA B 12 18.58 -1.26 -6.00
C ALA B 12 17.67 -2.47 -5.78
N SER B 13 17.43 -3.20 -6.87
CA SER B 13 16.59 -4.39 -6.85
C SER B 13 17.23 -5.46 -5.99
N ASP B 14 18.56 -5.53 -6.07
CA ASP B 14 19.33 -6.51 -5.31
C ASP B 14 19.30 -6.29 -3.81
N ILE B 15 19.52 -5.06 -3.37
CA ILE B 15 19.52 -4.78 -1.93
C ILE B 15 18.12 -4.85 -1.32
N ALA B 16 17.11 -4.45 -2.10
CA ALA B 16 15.73 -4.49 -1.66
C ALA B 16 15.34 -5.94 -1.38
N SER B 17 15.72 -6.85 -2.26
CA SER B 17 15.42 -8.26 -2.06
C SER B 17 16.13 -8.79 -0.82
N PHE B 18 17.30 -8.22 -0.53
CA PHE B 18 18.08 -8.62 0.64
C PHE B 18 17.40 -8.13 1.90
N LEU B 19 16.91 -6.89 1.88
CA LEU B 19 16.23 -6.32 3.05
C LEU B 19 15.00 -7.16 3.41
N VAL B 20 14.23 -7.53 2.40
CA VAL B 20 13.02 -8.33 2.58
C VAL B 20 13.33 -9.76 2.95
N GLU B 21 14.41 -10.31 2.39
CA GLU B 21 14.80 -11.68 2.70
C GLU B 21 15.41 -11.79 4.08
N ASN B 22 15.65 -10.62 4.68
CA ASN B 22 16.20 -10.54 6.02
C ASN B 22 15.23 -9.84 6.98
N GLY B 23 13.93 -10.03 6.70
CA GLY B 23 12.86 -9.50 7.54
C GLY B 23 12.40 -8.07 7.57
N LEU B 24 12.74 -7.26 6.58
CA LEU B 24 12.29 -5.87 6.55
C LEU B 24 11.34 -5.60 5.39
N SER B 25 10.14 -5.11 5.69
CA SER B 25 9.19 -4.79 4.62
C SER B 25 9.79 -3.63 3.84
N THR B 26 9.94 -3.83 2.53
CA THR B 26 10.57 -2.83 1.67
C THR B 26 9.72 -2.33 0.51
N VAL B 27 9.98 -1.10 0.11
CA VAL B 27 9.30 -0.49 -1.02
C VAL B 27 10.41 0.16 -1.82
N GLN B 28 10.54 -0.25 -3.08
CA GLN B 28 11.55 0.28 -3.97
C GLN B 28 10.94 1.31 -4.92
N MET B 29 11.39 2.55 -4.80
CA MET B 29 10.89 3.60 -5.66
C MET B 29 11.89 3.79 -6.80
N ASN B 30 11.41 3.75 -8.04
CA ASN B 30 12.27 3.94 -9.20
C ASN B 30 12.28 5.41 -9.56
N GLY B 31 13.30 6.10 -9.08
CA GLY B 31 13.44 7.53 -9.32
C GLY B 31 12.82 8.25 -8.14
N VAL B 32 13.27 9.47 -7.87
CA VAL B 32 12.73 10.25 -6.75
C VAL B 32 11.25 10.54 -6.97
N PRO B 33 10.39 10.05 -6.05
CA PRO B 33 8.93 10.25 -6.13
C PRO B 33 8.51 11.70 -5.97
N THR B 34 7.33 12.00 -6.46
CA THR B 34 6.77 13.34 -6.37
C THR B 34 5.65 13.31 -5.33
N GLN B 35 5.00 12.16 -5.22
CA GLN B 35 3.91 11.94 -4.27
C GLN B 35 4.54 11.26 -3.07
N SER B 36 4.21 11.71 -1.86
CA SER B 36 4.76 11.10 -0.66
C SER B 36 4.23 9.66 -0.48
N LEU B 37 5.05 8.78 0.08
CA LEU B 37 4.64 7.40 0.30
C LEU B 37 3.55 7.32 1.35
N ASN B 38 2.39 6.82 0.95
CA ASN B 38 1.27 6.69 1.86
C ASN B 38 1.14 5.21 2.21
N SER B 39 2.18 4.69 2.85
CA SER B 39 2.22 3.29 3.25
C SER B 39 3.24 3.15 4.38
N LYS B 40 3.10 2.11 5.18
CA LYS B 40 4.04 1.88 6.27
C LYS B 40 5.02 0.75 5.97
N VAL B 41 6.30 1.08 5.93
CA VAL B 41 7.34 0.10 5.66
C VAL B 41 8.59 0.30 6.53
N ASP B 42 9.41 -0.74 6.59
CA ASP B 42 10.64 -0.72 7.36
C ASP B 42 11.78 -0.04 6.61
N ALA B 43 11.81 -0.22 5.29
CA ALA B 43 12.87 0.37 4.47
C ALA B 43 12.35 0.84 3.11
N ILE B 44 12.99 1.87 2.56
CA ILE B 44 12.59 2.39 1.26
C ILE B 44 13.83 2.59 0.41
N VAL B 45 13.89 1.91 -0.72
CA VAL B 45 15.03 2.01 -1.63
C VAL B 45 14.67 2.92 -2.80
N ILE B 46 15.53 3.87 -3.12
CA ILE B 46 15.30 4.75 -4.24
C ILE B 46 16.32 4.48 -5.33
N SER B 47 15.84 4.03 -6.48
CA SER B 47 16.65 3.70 -7.65
C SER B 47 17.01 4.95 -8.47
N LEU B 48 18.31 5.15 -8.70
CA LEU B 48 18.78 6.27 -9.50
C LEU B 48 19.62 5.75 -10.66
N LYS B 49 20.19 6.68 -11.44
CA LYS B 49 21.06 6.32 -12.56
C LYS B 49 22.26 7.22 -12.39
N SER B 50 22.85 7.16 -11.18
CA SER B 50 23.99 7.98 -10.81
C SER B 50 25.32 7.26 -10.71
N ARG B 51 25.48 6.17 -11.44
CA ARG B 51 26.75 5.44 -11.39
C ARG B 51 27.82 6.08 -12.27
N SER B 52 27.42 6.65 -13.40
CA SER B 52 28.37 7.27 -14.33
C SER B 52 27.83 8.46 -15.13
N ASN B 53 27.10 9.35 -14.46
CA ASN B 53 26.55 10.54 -15.08
C ASN B 53 27.30 11.76 -14.52
N PRO B 54 27.05 12.98 -15.06
CA PRO B 54 27.74 14.15 -14.54
C PRO B 54 27.67 14.19 -13.03
N VAL B 55 28.82 14.23 -12.38
CA VAL B 55 28.91 14.24 -10.91
C VAL B 55 27.97 15.23 -10.21
N ASN B 56 27.66 16.34 -10.89
CA ASN B 56 26.77 17.35 -10.32
C ASN B 56 25.31 16.93 -10.34
N GLU B 57 24.92 16.16 -11.35
CA GLU B 57 23.56 15.65 -11.46
C GLU B 57 23.36 14.52 -10.46
N ALA B 58 24.45 13.80 -10.19
CA ALA B 58 24.44 12.70 -9.24
C ALA B 58 24.23 13.21 -7.83
N ILE B 59 24.93 14.29 -7.48
CA ILE B 59 24.82 14.89 -6.16
C ILE B 59 23.43 15.48 -5.91
N GLU B 60 22.87 16.13 -6.92
CA GLU B 60 21.54 16.75 -6.81
C GLU B 60 20.45 15.69 -6.68
N GLN B 61 20.52 14.65 -7.50
CA GLN B 61 19.55 13.57 -7.47
C GLN B 61 19.62 12.80 -6.14
N SER B 62 20.83 12.60 -5.64
CA SER B 62 21.04 11.88 -4.39
C SER B 62 20.49 12.67 -3.21
N LEU B 63 20.65 13.99 -3.27
CA LEU B 63 20.16 14.87 -2.21
C LEU B 63 18.64 14.96 -2.25
N ARG B 64 18.09 15.07 -3.46
CA ARG B 64 16.64 15.14 -3.63
C ARG B 64 16.02 13.86 -3.11
N ALA B 65 16.75 12.76 -3.25
CA ALA B 65 16.29 11.47 -2.78
C ALA B 65 16.32 11.39 -1.26
N TYR B 66 17.41 11.87 -0.68
CA TYR B 66 17.57 11.87 0.76
C TYR B 66 16.46 12.68 1.41
N GLN B 67 16.20 13.85 0.83
CA GLN B 67 15.18 14.77 1.31
C GLN B 67 13.80 14.12 1.37
N TRP B 68 13.46 13.39 0.31
CA TRP B 68 12.18 12.70 0.24
C TRP B 68 12.13 11.62 1.31
N LEU B 69 13.19 10.81 1.37
CA LEU B 69 13.29 9.74 2.35
C LEU B 69 13.15 10.25 3.76
N LYS B 70 13.79 11.37 4.06
CA LYS B 70 13.73 11.95 5.39
C LYS B 70 12.31 12.37 5.77
N GLU B 71 11.66 13.09 4.86
CA GLU B 71 10.29 13.57 5.07
C GLU B 71 9.29 12.43 5.18
N ASN B 72 9.62 11.30 4.57
CA ASN B 72 8.71 10.16 4.63
C ASN B 72 8.82 9.24 5.80
N GLY B 73 9.78 9.55 6.67
CA GLY B 73 10.05 8.85 7.91
C GLY B 73 11.35 8.09 8.03
N CYS B 74 12.34 8.40 7.21
CA CYS B 74 13.62 7.67 7.31
C CYS B 74 14.60 8.28 8.32
N THR B 75 15.17 7.43 9.16
CA THR B 75 16.11 7.84 10.20
C THR B 75 17.56 7.45 9.91
N GLN B 76 17.77 6.25 9.36
CA GLN B 76 19.10 5.77 9.02
C GLN B 76 19.19 5.76 7.50
N PHE B 77 20.33 6.17 6.97
CA PHE B 77 20.51 6.22 5.52
C PHE B 77 21.61 5.29 5.00
N TYR B 78 21.38 4.71 3.82
CA TYR B 78 22.32 3.77 3.20
C TYR B 78 22.60 4.11 1.72
N PHE B 79 23.84 4.47 1.43
CA PHE B 79 24.25 4.77 0.06
C PHE B 79 24.73 3.46 -0.55
N LYS B 80 23.95 2.91 -1.46
CA LYS B 80 24.26 1.64 -2.12
C LYS B 80 24.93 1.78 -3.50
N TYR B 81 26.13 1.22 -3.62
CA TYR B 81 26.87 1.24 -4.88
C TYR B 81 27.27 -0.19 -5.25
N CYS B 82 27.98 -0.36 -6.37
CA CYS B 82 28.35 -1.70 -6.81
C CYS B 82 29.40 -2.41 -5.95
N SER B 83 29.33 -3.74 -5.96
CA SER B 83 30.26 -4.59 -5.21
C SER B 83 31.70 -4.57 -5.75
N THR B 84 31.89 -4.01 -6.95
CA THR B 84 33.22 -3.90 -7.53
C THR B 84 33.64 -2.43 -7.45
N PHE B 85 32.90 -1.68 -6.63
CA PHE B 85 33.16 -0.27 -6.37
C PHE B 85 33.25 0.63 -7.61
N ASP B 86 32.44 0.34 -8.63
CA ASP B 86 32.45 1.12 -9.88
C ASP B 86 32.50 2.65 -9.72
N SER B 87 33.60 3.23 -10.21
CA SER B 87 33.83 4.66 -10.16
C SER B 87 35.11 5.06 -10.92
N THR B 88 35.53 6.31 -10.78
CA THR B 88 36.75 6.83 -11.41
C THR B 88 37.33 7.94 -10.52
N ALA B 89 38.26 8.73 -11.04
CA ALA B 89 38.83 9.82 -10.25
C ALA B 89 37.68 10.73 -9.91
N LYS B 90 36.73 10.85 -10.84
CA LYS B 90 35.56 11.69 -10.61
C LYS B 90 34.64 10.79 -9.75
N GLY B 91 34.80 9.48 -9.78
CA GLY B 91 34.08 8.48 -8.97
C GLY B 91 32.99 8.99 -8.03
N ASN B 92 31.78 9.16 -8.56
CA ASN B 92 30.55 9.59 -7.91
C ASN B 92 30.31 9.03 -6.52
N ILE B 93 31.00 7.93 -6.19
CA ILE B 93 30.86 7.33 -4.87
C ILE B 93 31.43 8.29 -3.82
N GLY B 94 32.51 8.98 -4.19
CA GLY B 94 33.13 9.92 -3.27
C GLY B 94 32.32 11.19 -3.12
N PRO B 95 32.06 11.92 -4.21
CA PRO B 95 31.28 13.17 -4.21
C PRO B 95 29.88 13.05 -3.59
N VAL B 96 29.19 11.96 -3.90
CA VAL B 96 27.85 11.71 -3.38
C VAL B 96 27.91 11.42 -1.88
N THR B 97 28.93 10.66 -1.45
CA THR B 97 29.09 10.35 -0.03
C THR B 97 29.38 11.66 0.70
N ASP B 98 30.24 12.48 0.09
CA ASP B 98 30.60 13.77 0.67
C ASP B 98 29.41 14.70 0.79
N ALA B 99 28.60 14.77 -0.26
CA ALA B 99 27.42 15.62 -0.28
C ALA B 99 26.40 15.17 0.78
N LEU B 100 26.32 13.86 0.98
CA LEU B 100 25.39 13.30 1.96
C LEU B 100 25.82 13.60 3.38
N LEU B 101 27.13 13.56 3.63
CA LEU B 101 27.67 13.85 4.95
C LEU B 101 27.45 15.33 5.28
N ASP B 102 27.73 16.20 4.31
CA ASP B 102 27.59 17.64 4.49
C ASP B 102 26.14 18.04 4.79
N GLU B 103 25.19 17.36 4.15
CA GLU B 103 23.76 17.62 4.34
C GLU B 103 23.26 17.12 5.70
N LEU B 104 23.96 16.13 6.25
CA LEU B 104 23.62 15.50 7.53
C LEU B 104 24.38 16.03 8.74
N ASN B 105 25.29 16.98 8.52
CA ASN B 105 26.11 17.53 9.60
C ASN B 105 27.02 16.44 10.15
N GLU B 106 27.23 15.38 9.37
CA GLU B 106 28.08 14.26 9.76
C GLU B 106 29.49 14.41 9.21
N ASP B 107 30.42 13.65 9.78
CA ASP B 107 31.82 13.71 9.35
C ASP B 107 32.52 12.36 9.33
N PHE B 108 31.74 11.28 9.32
CA PHE B 108 32.32 9.94 9.31
C PHE B 108 31.32 8.85 8.87
N THR B 109 31.80 7.93 8.05
CA THR B 109 31.00 6.82 7.57
C THR B 109 31.90 5.63 7.22
N VAL B 110 31.31 4.51 6.82
CA VAL B 110 32.08 3.34 6.44
C VAL B 110 32.00 3.13 4.93
N ILE B 111 32.76 2.17 4.43
CA ILE B 111 32.80 1.84 3.01
C ILE B 111 32.97 0.35 2.99
N THR B 112 32.04 -0.35 2.37
CA THR B 112 32.16 -1.80 2.30
C THR B 112 31.39 -2.46 1.17
N PRO B 113 32.03 -2.63 0.01
CA PRO B 113 31.32 -3.28 -1.10
C PRO B 113 31.28 -4.79 -0.92
N ALA B 114 31.71 -5.27 0.25
CA ALA B 114 31.79 -6.70 0.56
C ALA B 114 30.45 -7.44 0.82
N LEU B 115 30.64 -8.74 0.57
CA LEU B 115 29.68 -9.85 0.70
C LEU B 115 30.46 -11.13 0.35
N PRO B 116 31.28 -11.61 1.29
CA PRO B 116 32.14 -12.79 1.20
C PRO B 116 31.57 -14.03 0.55
N VAL B 117 30.38 -14.46 0.97
CA VAL B 117 29.75 -15.65 0.43
C VAL B 117 29.49 -15.58 -1.08
N ASN B 118 29.42 -14.36 -1.62
CA ASN B 118 29.19 -14.18 -3.05
C ASN B 118 30.47 -13.80 -3.82
N GLY B 119 31.63 -14.14 -3.23
CA GLY B 119 32.88 -13.85 -3.89
C GLY B 119 33.31 -12.41 -3.92
N ARG B 120 32.95 -11.65 -2.88
CA ARG B 120 33.33 -10.23 -2.75
C ARG B 120 33.96 -10.10 -1.38
N THR B 121 35.29 -10.12 -1.33
CA THR B 121 35.99 -10.03 -0.06
C THR B 121 36.92 -8.83 0.04
N ILE B 122 37.29 -8.49 1.28
CA ILE B 122 38.17 -7.36 1.54
C ILE B 122 39.20 -7.79 2.59
N PHE B 123 40.47 -7.65 2.25
CA PHE B 123 41.54 -7.98 3.18
C PHE B 123 42.64 -6.95 3.04
N ASN B 124 42.97 -6.31 4.16
CA ASN B 124 43.97 -5.24 4.20
C ASN B 124 43.47 -4.08 3.34
N GLY B 125 42.15 -4.05 3.14
CA GLY B 125 41.52 -3.01 2.35
C GLY B 125 41.49 -3.24 0.85
N TYR B 126 41.93 -4.43 0.43
CA TYR B 126 41.99 -4.80 -0.98
C TYR B 126 40.77 -5.63 -1.35
N LEU B 127 40.05 -5.20 -2.38
CA LEU B 127 38.86 -5.89 -2.83
C LEU B 127 39.18 -7.06 -3.75
N PHE B 128 38.63 -8.22 -3.43
CA PHE B 128 38.85 -9.43 -4.24
C PHE B 128 37.55 -9.85 -4.92
N VAL B 129 37.67 -10.27 -6.18
CA VAL B 129 36.53 -10.74 -6.95
C VAL B 129 36.77 -12.22 -7.21
N GLY B 130 36.10 -13.08 -6.45
CA GLY B 130 36.32 -14.50 -6.59
C GLY B 130 37.67 -14.77 -5.97
N ASP B 131 38.51 -15.52 -6.68
CA ASP B 131 39.84 -15.88 -6.19
C ASP B 131 40.92 -14.86 -6.55
N VAL B 132 40.55 -13.72 -7.11
CA VAL B 132 41.55 -12.74 -7.53
C VAL B 132 41.29 -11.28 -7.18
N LEU B 133 42.36 -10.49 -7.16
CA LEU B 133 42.25 -9.07 -6.87
C LEU B 133 41.30 -8.41 -7.84
N LEU B 134 40.69 -7.32 -7.42
CA LEU B 134 39.78 -6.57 -8.28
C LEU B 134 40.50 -6.12 -9.55
N SER B 135 41.73 -5.64 -9.37
CA SER B 135 42.56 -5.16 -10.46
C SER B 135 42.94 -6.23 -11.48
N GLU B 136 42.76 -7.50 -11.12
CA GLU B 136 43.08 -8.61 -12.00
C GLU B 136 41.82 -9.29 -12.55
N SER B 137 40.66 -8.76 -12.19
CA SER B 137 39.40 -9.33 -12.64
C SER B 137 38.93 -8.73 -13.96
N GLY B 138 37.75 -9.14 -14.41
CA GLY B 138 37.20 -8.61 -15.64
C GLY B 138 36.92 -7.13 -15.56
N MET B 139 36.90 -6.59 -14.34
CA MET B 139 36.63 -5.18 -14.12
C MET B 139 37.76 -4.23 -14.53
N LYS B 140 38.95 -4.77 -14.77
CA LYS B 140 40.09 -3.95 -15.17
C LYS B 140 39.88 -3.43 -16.60
N ASN B 141 39.16 -4.23 -17.39
CA ASN B 141 38.86 -3.91 -18.79
C ASN B 141 37.50 -3.24 -18.99
N HIS B 142 36.85 -2.83 -17.90
CA HIS B 142 35.55 -2.20 -17.98
C HIS B 142 35.56 -0.96 -18.87
N PRO B 143 34.57 -0.84 -19.77
CA PRO B 143 34.42 0.27 -20.71
C PRO B 143 34.09 1.64 -20.14
N ILE B 144 33.49 1.67 -18.95
CA ILE B 144 33.13 2.95 -18.33
C ILE B 144 33.92 3.18 -17.04
N THR B 145 34.02 2.16 -16.20
CA THR B 145 34.73 2.25 -14.92
C THR B 145 35.77 1.14 -14.75
N PRO B 146 36.91 1.26 -15.45
CA PRO B 146 37.95 0.23 -15.34
C PRO B 146 38.58 0.33 -13.97
N MET B 147 38.65 -0.80 -13.28
CA MET B 147 39.24 -0.84 -11.96
C MET B 147 40.64 -1.45 -12.09
N VAL B 148 41.65 -0.59 -12.02
CA VAL B 148 43.03 -1.03 -12.15
C VAL B 148 43.77 -1.11 -10.81
N ASP B 149 43.08 -0.73 -9.74
CA ASP B 149 43.64 -0.75 -8.40
C ASP B 149 42.62 -1.42 -7.48
N ALA B 150 43.06 -2.41 -6.72
CA ALA B 150 42.18 -3.15 -5.82
C ALA B 150 42.10 -2.58 -4.40
N ASN B 151 42.96 -1.61 -4.08
CA ASN B 151 42.97 -1.00 -2.75
C ASN B 151 41.87 0.07 -2.60
N LEU B 152 40.82 -0.27 -1.84
CA LEU B 152 39.69 0.63 -1.62
C LEU B 152 39.96 1.99 -0.98
N MET B 153 41.07 2.13 -0.27
CA MET B 153 41.40 3.42 0.34
C MET B 153 42.03 4.34 -0.70
N ARG B 154 42.68 3.74 -1.69
CA ARG B 154 43.30 4.52 -2.74
C ARG B 154 42.25 4.94 -3.77
N LEU B 155 41.27 4.06 -3.99
CA LEU B 155 40.20 4.34 -4.93
C LEU B 155 39.33 5.48 -4.39
N MET B 156 39.02 5.42 -3.09
CA MET B 156 38.20 6.44 -2.44
C MET B 156 38.89 7.79 -2.28
N ASP B 157 40.18 7.78 -1.90
CA ASP B 157 40.93 9.03 -1.72
C ASP B 157 40.95 9.91 -2.96
N ALA B 158 41.14 9.26 -4.11
CA ALA B 158 41.20 9.91 -5.42
C ALA B 158 39.98 10.74 -5.78
N GLN B 159 38.79 10.21 -5.43
CA GLN B 159 37.51 10.85 -5.71
C GLN B 159 36.84 11.57 -4.54
N ALA B 160 37.42 11.49 -3.34
CA ALA B 160 36.84 12.13 -2.17
C ALA B 160 37.50 13.44 -1.73
N LYS B 161 36.86 14.12 -0.79
CA LYS B 161 37.35 15.37 -0.24
C LYS B 161 38.17 15.07 1.01
N GLY B 162 37.85 13.96 1.66
CA GLY B 162 38.56 13.55 2.86
C GLY B 162 39.45 12.35 2.64
N LYS B 163 39.98 11.80 3.74
CA LYS B 163 40.85 10.64 3.65
C LYS B 163 40.20 9.39 4.23
N THR B 164 40.48 8.26 3.59
CA THR B 164 39.94 6.96 3.99
C THR B 164 40.88 6.15 4.88
N GLY B 165 40.33 5.53 5.92
CA GLY B 165 41.12 4.72 6.82
C GLY B 165 40.76 3.24 6.71
N LEU B 166 41.27 2.43 7.64
CA LEU B 166 40.97 1.01 7.61
C LEU B 166 40.85 0.38 9.01
N VAL B 167 39.85 -0.48 9.07
CA VAL B 167 39.50 -1.33 10.20
C VAL B 167 39.73 -2.77 9.72
N ALA B 168 40.99 -3.15 9.92
CA ALA B 168 41.60 -4.43 9.56
C ALA B 168 40.93 -5.66 10.15
N TYR B 169 40.98 -6.76 9.38
CA TYR B 169 40.41 -8.05 9.75
C TYR B 169 40.65 -8.44 11.21
N ALA B 170 41.92 -8.42 11.61
CA ALA B 170 42.34 -8.78 12.98
C ALA B 170 41.52 -8.12 14.08
N ASP B 171 41.17 -6.86 13.85
CA ASP B 171 40.38 -6.09 14.81
C ASP B 171 38.91 -6.45 14.68
N VAL B 172 38.45 -6.58 13.44
CA VAL B 172 37.05 -6.89 13.16
C VAL B 172 36.60 -8.16 13.88
N ILE B 173 37.44 -9.19 13.87
CA ILE B 173 37.07 -10.44 14.53
C ILE B 173 37.04 -10.36 16.05
N LYS B 174 37.52 -9.25 16.60
CA LYS B 174 37.50 -9.07 18.05
C LYS B 174 36.12 -8.68 18.57
N GLY B 175 35.27 -8.19 17.67
CA GLY B 175 33.93 -7.83 18.08
C GLY B 175 33.53 -6.42 17.71
N ALA B 176 32.23 -6.15 17.82
CA ALA B 176 31.66 -4.85 17.49
C ALA B 176 32.23 -3.73 18.34
N SER B 177 32.43 -4.03 19.62
CA SER B 177 32.98 -3.07 20.57
C SER B 177 34.38 -2.63 20.09
N ARG B 178 35.23 -3.61 19.76
CA ARG B 178 36.57 -3.32 19.28
C ARG B 178 36.56 -2.48 18.01
N VAL B 179 35.68 -2.83 17.08
CA VAL B 179 35.54 -2.11 15.82
C VAL B 179 35.21 -0.65 16.04
N GLN B 180 34.38 -0.38 17.06
CA GLN B 180 33.99 1.00 17.37
C GLN B 180 35.16 1.79 17.88
N GLU B 181 36.05 1.13 18.60
CA GLU B 181 37.24 1.76 19.13
C GLU B 181 38.14 2.19 17.97
N CYS B 182 38.11 1.42 16.89
CA CYS B 182 38.89 1.74 15.69
C CYS B 182 38.26 2.93 14.96
N PHE B 183 36.93 2.97 14.93
CA PHE B 183 36.22 4.07 14.30
C PHE B 183 36.65 5.35 15.00
N ALA B 184 36.60 5.32 16.33
CA ALA B 184 36.98 6.45 17.18
C ALA B 184 38.44 6.86 16.95
N GLU B 185 39.30 5.85 16.87
CA GLU B 185 40.72 6.05 16.64
C GLU B 185 40.97 6.67 15.26
N LEU B 186 40.22 6.24 14.27
CA LEU B 186 40.34 6.76 12.91
C LEU B 186 39.81 8.19 12.82
N LYS B 187 38.76 8.49 13.59
CA LYS B 187 38.17 9.83 13.60
C LYS B 187 39.17 10.84 14.16
N ALA B 188 39.87 10.44 15.21
CA ALA B 188 40.88 11.28 15.84
C ALA B 188 42.05 11.52 14.87
N GLN B 189 42.28 10.55 13.98
CA GLN B 189 43.36 10.62 12.99
C GLN B 189 43.02 11.43 11.73
N GLY B 190 41.88 12.11 11.74
CA GLY B 190 41.47 12.93 10.61
C GLY B 190 40.83 12.19 9.45
N TYR B 191 40.50 10.92 9.65
CA TYR B 191 39.86 10.12 8.60
C TYR B 191 38.36 10.34 8.52
N ARG B 192 37.87 10.72 7.35
CA ARG B 192 36.45 10.98 7.12
C ARG B 192 35.63 9.71 6.85
N TYR B 193 36.29 8.66 6.34
CA TYR B 193 35.62 7.39 6.03
C TYR B 193 36.44 6.23 6.59
N ALA B 194 35.96 5.01 6.39
CA ALA B 194 36.65 3.83 6.88
C ALA B 194 36.25 2.57 6.13
N VAL B 195 37.25 1.94 5.53
CA VAL B 195 37.04 0.69 4.82
C VAL B 195 37.12 -0.39 5.92
N VAL B 196 36.28 -1.41 5.82
CA VAL B 196 36.29 -2.50 6.80
C VAL B 196 36.46 -3.84 6.12
N ASP B 197 37.37 -4.66 6.65
CA ASP B 197 37.65 -5.99 6.11
C ASP B 197 36.50 -6.97 6.34
N ALA B 198 36.43 -7.95 5.46
CA ALA B 198 35.43 -8.99 5.54
C ALA B 198 35.78 -10.06 4.52
N VAL B 199 36.46 -11.10 4.98
CA VAL B 199 36.82 -12.22 4.12
C VAL B 199 35.90 -13.38 4.47
N ASP B 200 35.00 -13.12 5.41
CA ASP B 200 34.04 -14.10 5.89
C ASP B 200 32.79 -13.32 6.26
N ASN B 201 31.62 -13.90 6.07
CA ASN B 201 30.36 -13.22 6.37
C ASN B 201 30.19 -12.71 7.81
N SER B 202 30.80 -13.40 8.78
CA SER B 202 30.70 -12.96 10.16
C SER B 202 31.31 -11.60 10.42
N GLN B 203 32.16 -11.13 9.51
CA GLN B 203 32.77 -9.81 9.66
C GLN B 203 31.74 -8.72 9.39
N LEU B 204 30.77 -9.06 8.55
CA LEU B 204 29.68 -8.15 8.18
C LEU B 204 28.64 -8.07 9.28
N GLU B 205 28.46 -9.17 10.00
CA GLU B 205 27.52 -9.23 11.11
C GLU B 205 28.04 -8.37 12.26
N VAL B 206 29.37 -8.32 12.40
CA VAL B 206 30.03 -7.51 13.43
C VAL B 206 29.85 -6.04 13.09
N LEU B 207 30.14 -5.73 11.82
CA LEU B 207 30.03 -4.38 11.30
C LEU B 207 28.59 -3.84 11.35
N ALA B 208 27.61 -4.69 11.06
CA ALA B 208 26.20 -4.28 11.09
C ALA B 208 25.86 -3.73 12.47
N GLU B 209 26.35 -4.43 13.50
CA GLU B 209 26.13 -4.01 14.88
C GLU B 209 26.92 -2.76 15.23
N ALA B 210 28.18 -2.70 14.79
CA ALA B 210 29.05 -1.55 15.05
C ALA B 210 28.53 -0.24 14.47
N VAL B 211 27.78 -0.33 13.37
CA VAL B 211 27.24 0.87 12.74
C VAL B 211 25.77 1.11 13.08
N ALA B 212 25.27 0.35 14.06
CA ALA B 212 23.89 0.43 14.53
C ALA B 212 23.32 1.84 14.71
N ASP B 213 24.16 2.80 15.10
CA ASP B 213 23.71 4.17 15.31
C ASP B 213 24.32 5.16 14.33
N PHE B 214 24.71 4.68 13.16
CA PHE B 214 25.28 5.53 12.12
C PHE B 214 24.15 6.18 11.33
N LYS B 215 24.26 7.47 11.08
CA LYS B 215 23.25 8.19 10.30
C LYS B 215 23.45 7.83 8.82
N LEU B 216 24.69 7.56 8.44
CA LEU B 216 25.01 7.18 7.07
C LEU B 216 26.01 6.05 7.04
N VAL B 217 25.78 5.11 6.13
CA VAL B 217 26.66 3.96 5.91
C VAL B 217 26.66 3.75 4.40
N THR B 218 27.77 3.28 3.86
CA THR B 218 27.84 3.05 2.43
C THR B 218 28.36 1.63 2.18
N GLY B 219 28.00 1.07 1.03
CA GLY B 219 28.42 -0.28 0.71
C GLY B 219 27.63 -0.92 -0.40
N GLY B 220 27.76 -2.24 -0.52
CA GLY B 220 27.03 -2.97 -1.54
C GLY B 220 25.77 -3.55 -0.91
N SER B 221 25.44 -4.78 -1.25
CA SER B 221 24.25 -5.40 -0.69
C SER B 221 24.54 -6.19 0.58
N GLY B 222 25.82 -6.51 0.79
CA GLY B 222 26.24 -7.30 1.94
C GLY B 222 25.93 -6.72 3.30
N LEU B 223 26.40 -5.51 3.56
CA LEU B 223 26.19 -4.83 4.83
C LEU B 223 24.73 -4.46 5.08
N GLY B 224 24.03 -4.08 4.02
CA GLY B 224 22.63 -3.72 4.14
C GLY B 224 21.82 -4.91 4.62
N ALA B 225 22.10 -6.06 4.03
CA ALA B 225 21.42 -7.29 4.37
C ALA B 225 21.65 -7.69 5.82
N TYR B 226 22.86 -7.41 6.33
CA TYR B 226 23.17 -7.73 7.73
C TYR B 226 22.55 -6.75 8.72
N MET B 227 22.43 -5.49 8.29
CA MET B 227 21.80 -4.46 9.11
C MET B 227 20.31 -4.79 9.20
N ALA B 228 19.76 -5.30 8.10
CA ALA B 228 18.35 -5.68 8.03
C ALA B 228 18.10 -6.85 8.97
N ALA B 229 18.95 -7.86 8.87
CA ALA B 229 18.84 -9.05 9.69
C ALA B 229 18.90 -8.70 11.17
N ARG B 230 19.65 -7.65 11.49
CA ARG B 230 19.78 -7.22 12.87
C ARG B 230 18.52 -6.48 13.34
N LEU B 231 18.12 -5.45 12.60
CA LEU B 231 16.94 -4.63 12.92
C LEU B 231 15.65 -5.43 13.04
N SER B 232 15.50 -6.45 12.20
CA SER B 232 14.32 -7.28 12.20
C SER B 232 14.37 -8.38 13.27
N GLY B 233 15.57 -8.66 13.76
CA GLY B 233 15.73 -9.68 14.77
C GLY B 233 15.80 -11.08 14.21
N GLY B 234 16.68 -11.28 13.23
CA GLY B 234 16.87 -12.59 12.62
C GLY B 234 15.73 -13.16 11.80
N LYS B 235 14.81 -12.30 11.37
CA LYS B 235 13.67 -12.72 10.55
C LYS B 235 14.10 -13.10 9.14
N LYS B 236 13.24 -13.84 8.46
CA LYS B 236 13.50 -14.25 7.08
C LYS B 236 12.42 -13.69 6.15
N GLY B 237 12.50 -14.05 4.87
CA GLY B 237 11.52 -13.56 3.93
C GLY B 237 10.39 -14.54 3.66
N THR B 238 10.32 -15.59 4.46
CA THR B 238 9.30 -16.62 4.31
C THR B 238 7.87 -16.10 4.55
N ASN B 239 7.76 -14.92 5.15
CA ASN B 239 6.46 -14.32 5.43
C ASN B 239 6.10 -13.14 4.54
N ALA B 240 6.84 -12.97 3.43
CA ALA B 240 6.55 -11.87 2.51
C ALA B 240 5.27 -12.14 1.71
N PHE B 241 4.66 -11.08 1.17
CA PHE B 241 3.41 -11.20 0.44
C PHE B 241 3.45 -11.90 -0.91
N THR B 242 2.33 -12.51 -1.25
CA THR B 242 2.16 -13.21 -2.53
C THR B 242 0.97 -12.57 -3.25
N PRO B 243 0.92 -12.69 -4.59
CA PRO B 243 -0.20 -12.11 -5.34
C PRO B 243 -1.54 -12.72 -4.97
N THR B 244 -2.54 -11.86 -4.84
CA THR B 244 -3.87 -12.35 -4.55
C THR B 244 -4.43 -12.92 -5.85
N LYS B 245 -5.19 -14.00 -5.74
CA LYS B 245 -5.78 -14.69 -6.90
C LYS B 245 -6.44 -13.75 -7.92
N GLY B 246 -6.04 -13.90 -9.19
CA GLY B 246 -6.58 -13.08 -10.24
C GLY B 246 -6.11 -13.53 -11.62
N LYS B 247 -6.28 -12.66 -12.61
CA LYS B 247 -5.87 -12.95 -13.98
C LYS B 247 -4.37 -12.72 -14.22
N THR B 248 -3.67 -13.76 -14.65
CA THR B 248 -2.23 -13.72 -14.88
C THR B 248 -1.82 -13.86 -16.37
N VAL B 249 -0.67 -13.31 -16.72
CA VAL B 249 -0.15 -13.40 -18.08
C VAL B 249 1.38 -13.42 -18.10
N VAL B 250 1.94 -14.34 -18.87
CA VAL B 250 3.39 -14.44 -18.98
C VAL B 250 3.82 -13.78 -20.28
N LEU B 251 4.71 -12.80 -20.18
CA LEU B 251 5.21 -12.08 -21.34
C LEU B 251 6.74 -12.25 -21.43
N SER B 252 7.19 -13.26 -22.16
CA SER B 252 8.61 -13.52 -22.31
C SER B 252 9.19 -12.90 -23.55
N GLY B 253 10.32 -12.22 -23.38
CA GLY B 253 10.97 -11.58 -24.50
C GLY B 253 12.44 -11.99 -24.56
N SER B 254 12.98 -12.40 -23.43
CA SER B 254 14.38 -12.81 -23.35
C SER B 254 14.72 -14.06 -24.14
N CYS B 255 15.78 -13.98 -24.96
CA CYS B 255 16.22 -15.10 -25.77
C CYS B 255 17.43 -15.79 -25.13
N SER B 256 17.61 -15.56 -23.84
CA SER B 256 18.70 -16.17 -23.11
C SER B 256 18.43 -17.66 -23.01
N VAL B 257 19.49 -18.45 -22.88
CA VAL B 257 19.36 -19.89 -22.78
C VAL B 257 18.41 -20.31 -21.67
N MET B 258 18.39 -19.53 -20.59
CA MET B 258 17.52 -19.83 -19.47
C MET B 258 16.06 -19.60 -19.83
N THR B 259 15.77 -18.41 -20.36
CA THR B 259 14.40 -18.10 -20.76
C THR B 259 13.98 -19.10 -21.82
N ASN B 260 14.86 -19.37 -22.78
CA ASN B 260 14.56 -20.32 -23.84
C ASN B 260 14.21 -21.70 -23.29
N LYS B 261 14.80 -22.05 -22.15
CA LYS B 261 14.53 -23.34 -21.53
C LYS B 261 13.28 -23.29 -20.66
N GLN B 262 13.07 -22.16 -19.99
CA GLN B 262 11.91 -21.97 -19.13
C GLN B 262 10.65 -21.82 -19.98
N VAL B 263 10.86 -21.46 -21.25
CA VAL B 263 9.77 -21.29 -22.21
C VAL B 263 9.17 -22.62 -22.65
N GLU B 264 10.03 -23.63 -22.83
CA GLU B 264 9.56 -24.95 -23.25
C GLU B 264 9.02 -25.78 -22.09
N LYS B 265 9.61 -25.61 -20.91
CA LYS B 265 9.14 -26.35 -19.74
C LYS B 265 7.74 -25.86 -19.37
N TYR B 266 7.48 -24.58 -19.65
CA TYR B 266 6.18 -23.98 -19.38
C TYR B 266 5.18 -24.31 -20.48
N ARG B 267 5.67 -24.31 -21.71
CA ARG B 267 4.90 -24.59 -22.91
C ARG B 267 3.93 -25.77 -22.78
N GLU B 268 4.39 -26.83 -22.13
CA GLU B 268 3.59 -28.04 -21.93
C GLU B 268 2.36 -27.84 -21.04
N LYS B 269 2.49 -26.93 -20.07
CA LYS B 269 1.42 -26.67 -19.10
C LYS B 269 0.31 -25.70 -19.52
N ALA B 270 0.70 -24.51 -19.94
CA ALA B 270 -0.28 -23.48 -20.33
C ALA B 270 -0.27 -23.11 -21.81
N PRO B 271 -1.40 -22.60 -22.32
CA PRO B 271 -1.51 -22.21 -23.73
C PRO B 271 -0.47 -21.12 -24.04
N HIS B 272 0.29 -21.33 -25.11
CA HIS B 272 1.34 -20.40 -25.50
C HIS B 272 1.15 -19.89 -26.92
N PHE B 273 1.86 -18.81 -27.23
CA PHE B 273 1.79 -18.17 -28.54
C PHE B 273 3.13 -17.48 -28.77
N GLN B 274 3.84 -17.90 -29.80
CA GLN B 274 5.13 -17.30 -30.11
C GLN B 274 4.90 -15.98 -30.86
N LEU B 275 5.35 -14.88 -30.27
CA LEU B 275 5.20 -13.56 -30.89
C LEU B 275 6.15 -13.48 -32.09
N ASP B 276 5.58 -13.54 -33.29
CA ASP B 276 6.41 -13.47 -34.50
C ASP B 276 6.89 -12.05 -34.75
N VAL B 277 8.22 -11.92 -34.85
CA VAL B 277 8.87 -10.65 -35.08
C VAL B 277 8.49 -10.01 -36.42
N GLU B 278 8.30 -10.85 -37.44
CA GLU B 278 7.93 -10.40 -38.77
C GLU B 278 6.56 -9.69 -38.69
N GLN B 279 5.62 -10.33 -38.01
CA GLN B 279 4.26 -9.81 -37.84
C GLN B 279 4.17 -8.55 -36.98
N ALA B 280 5.05 -8.43 -35.98
CA ALA B 280 5.05 -7.28 -35.08
C ALA B 280 5.41 -6.00 -35.82
N ILE B 281 6.17 -6.15 -36.91
CA ILE B 281 6.61 -5.03 -37.72
C ILE B 281 5.75 -4.58 -38.87
N HIS B 282 5.09 -5.56 -39.50
CA HIS B 282 4.23 -5.40 -40.68
C HIS B 282 2.71 -5.25 -40.42
N ASN B 283 2.10 -6.22 -39.76
CA ASN B 283 0.65 -6.20 -39.51
C ASN B 283 0.12 -5.08 -38.62
N GLU B 284 -1.03 -4.53 -38.99
CA GLU B 284 -1.67 -3.46 -38.25
C GLU B 284 -2.24 -3.97 -36.92
N ASN B 285 -3.30 -4.76 -36.99
CA ASN B 285 -3.94 -5.29 -35.79
C ASN B 285 -3.32 -6.58 -35.24
N TYR B 286 -2.02 -6.56 -34.98
CA TYR B 286 -1.33 -7.73 -34.42
C TYR B 286 -1.41 -7.66 -32.90
N ILE B 287 -1.58 -6.45 -32.37
CA ILE B 287 -1.70 -6.23 -30.93
C ILE B 287 -3.09 -6.74 -30.57
N GLU B 288 -4.06 -6.40 -31.41
CA GLU B 288 -5.45 -6.80 -31.24
C GLU B 288 -5.58 -8.32 -31.39
N GLN B 289 -4.78 -8.88 -32.31
CA GLN B 289 -4.79 -10.32 -32.55
C GLN B 289 -4.30 -11.04 -31.28
N LEU B 290 -3.19 -10.56 -30.73
CA LEU B 290 -2.59 -11.13 -29.52
C LEU B 290 -3.44 -10.91 -28.28
N TYR B 291 -3.96 -9.69 -28.13
CA TYR B 291 -4.80 -9.34 -26.99
C TYR B 291 -6.02 -10.26 -26.92
N GLN B 292 -6.63 -10.52 -28.07
CA GLN B 292 -7.80 -11.40 -28.15
C GLN B 292 -7.46 -12.84 -27.84
N TRP B 293 -6.25 -13.26 -28.17
CA TRP B 293 -5.81 -14.62 -27.90
C TRP B 293 -5.58 -14.77 -26.40
N VAL B 294 -5.04 -13.72 -25.78
CA VAL B 294 -4.77 -13.75 -24.36
C VAL B 294 -6.06 -13.82 -23.53
N ILE B 295 -6.98 -12.87 -23.74
CA ILE B 295 -8.26 -12.84 -23.01
C ILE B 295 -9.16 -14.05 -23.25
N ALA B 296 -8.85 -14.80 -24.31
CA ALA B 296 -9.59 -15.99 -24.67
C ALA B 296 -9.05 -17.19 -23.91
N ASN B 297 -7.77 -17.13 -23.53
CA ASN B 297 -7.09 -18.20 -22.80
C ASN B 297 -6.73 -17.87 -21.35
N LEU B 298 -7.53 -17.03 -20.70
CA LEU B 298 -7.26 -16.64 -19.31
C LEU B 298 -7.86 -17.56 -18.26
N ASP B 299 -8.86 -18.35 -18.64
CA ASP B 299 -9.50 -19.25 -17.69
C ASP B 299 -8.91 -20.66 -17.58
N SER B 300 -7.64 -20.79 -17.96
CA SER B 300 -6.94 -22.07 -17.86
C SER B 300 -6.31 -22.16 -16.47
N GLU B 301 -5.71 -23.32 -16.17
CA GLU B 301 -5.05 -23.52 -14.87
C GLU B 301 -3.89 -22.54 -14.69
N PHE B 302 -3.08 -22.41 -15.73
CA PHE B 302 -1.94 -21.52 -15.72
C PHE B 302 -2.10 -20.37 -16.70
N ALA B 303 -1.27 -19.34 -16.52
CA ALA B 303 -1.28 -18.15 -17.35
C ALA B 303 -0.85 -18.34 -18.81
N PRO B 304 -1.63 -17.80 -19.74
CA PRO B 304 -1.27 -17.94 -21.15
C PRO B 304 0.06 -17.20 -21.39
N MET B 305 0.95 -17.82 -22.16
CA MET B 305 2.24 -17.21 -22.43
C MET B 305 2.52 -16.82 -23.88
N VAL B 306 2.66 -15.51 -24.08
CA VAL B 306 3.00 -14.86 -25.33
C VAL B 306 4.48 -14.57 -25.28
N TYR B 307 5.30 -15.39 -25.93
CA TYR B 307 6.75 -15.18 -25.89
C TYR B 307 7.47 -14.86 -27.20
N ALA B 308 8.25 -13.79 -27.18
CA ALA B 308 9.04 -13.41 -28.34
C ALA B 308 10.34 -14.21 -28.24
N THR B 309 10.48 -14.92 -27.12
CA THR B 309 11.65 -15.76 -26.84
C THR B 309 11.89 -16.81 -27.91
N VAL B 310 12.83 -16.52 -28.79
CA VAL B 310 13.20 -17.44 -29.86
C VAL B 310 14.62 -17.87 -29.55
N PRO B 311 15.08 -18.97 -30.17
CA PRO B 311 16.45 -19.43 -29.91
C PRO B 311 17.44 -18.27 -30.10
N PRO B 312 18.47 -18.19 -29.25
CA PRO B 312 19.47 -17.12 -29.33
C PRO B 312 20.16 -16.99 -30.68
N ASP B 313 20.21 -18.09 -31.43
CA ASP B 313 20.81 -18.10 -32.76
C ASP B 313 19.81 -17.64 -33.82
N ALA B 314 18.57 -18.10 -33.69
CA ALA B 314 17.51 -17.72 -34.63
C ALA B 314 17.33 -16.21 -34.49
N LEU B 315 17.67 -15.70 -33.31
CA LEU B 315 17.58 -14.27 -33.01
C LEU B 315 18.57 -13.52 -33.89
N LYS B 316 19.81 -14.01 -33.86
CA LYS B 316 20.91 -13.45 -34.64
C LYS B 316 20.43 -13.31 -36.08
N ALA B 317 19.76 -14.36 -36.56
CA ALA B 317 19.23 -14.38 -37.91
C ALA B 317 18.14 -13.32 -38.06
N ILE B 318 17.14 -13.40 -37.18
CA ILE B 318 16.01 -12.48 -37.18
C ILE B 318 16.42 -11.01 -37.17
N GLN B 319 17.50 -10.69 -36.47
CA GLN B 319 17.97 -9.32 -36.39
C GLN B 319 18.70 -8.82 -37.64
N HIS B 320 19.36 -9.73 -38.34
CA HIS B 320 20.08 -9.36 -39.56
C HIS B 320 19.13 -9.16 -40.73
N GLN B 321 17.96 -9.80 -40.65
CA GLN B 321 16.95 -9.69 -41.70
C GLN B 321 16.03 -8.50 -41.50
N PHE B 322 15.43 -8.41 -40.31
CA PHE B 322 14.50 -7.34 -40.01
C PHE B 322 15.12 -6.11 -39.34
N GLY B 323 16.39 -6.23 -38.97
CA GLY B 323 17.05 -5.11 -38.31
C GLY B 323 17.10 -5.31 -36.81
N VAL B 324 18.01 -4.59 -36.16
CA VAL B 324 18.17 -4.70 -34.71
C VAL B 324 17.26 -3.78 -33.89
N ASP B 325 16.98 -2.59 -34.40
CA ASP B 325 16.12 -1.65 -33.69
C ASP B 325 14.69 -1.69 -34.22
N GLN B 326 14.54 -2.19 -35.44
CA GLN B 326 13.23 -2.32 -36.07
C GLN B 326 12.55 -3.49 -35.39
N ALA B 327 13.30 -4.58 -35.25
CA ALA B 327 12.80 -5.80 -34.62
C ALA B 327 12.64 -5.63 -33.11
N SER B 328 13.48 -4.77 -32.52
CA SER B 328 13.44 -4.53 -31.08
C SER B 328 12.26 -3.65 -30.70
N HIS B 329 11.99 -2.62 -31.49
CA HIS B 329 10.88 -1.70 -31.22
C HIS B 329 9.55 -2.43 -31.28
N ALA B 330 9.38 -3.24 -32.33
CA ALA B 330 8.16 -4.00 -32.54
C ALA B 330 7.84 -4.87 -31.34
N ILE B 331 8.72 -5.84 -31.06
CA ILE B 331 8.54 -6.77 -29.95
C ILE B 331 8.15 -6.11 -28.62
N GLU B 332 8.83 -5.03 -28.29
CA GLU B 332 8.57 -4.30 -27.06
C GLU B 332 7.31 -3.45 -27.15
N ASN B 333 7.12 -2.79 -28.28
CA ASN B 333 5.94 -1.97 -28.50
C ASN B 333 4.73 -2.88 -28.40
N THR B 334 4.87 -4.07 -28.96
CA THR B 334 3.83 -5.07 -28.93
C THR B 334 3.57 -5.52 -27.49
N PHE B 335 4.64 -5.77 -26.75
CA PHE B 335 4.53 -6.20 -25.36
C PHE B 335 4.06 -5.09 -24.42
N ALA B 336 4.36 -3.86 -24.77
CA ALA B 336 3.96 -2.74 -23.94
C ALA B 336 2.48 -2.42 -24.10
N LYS B 337 2.03 -2.33 -25.35
CA LYS B 337 0.63 -2.02 -25.63
C LYS B 337 -0.31 -3.16 -25.27
N LEU B 338 0.19 -4.39 -25.42
CA LEU B 338 -0.57 -5.59 -25.09
C LEU B 338 -0.77 -5.67 -23.58
N ALA B 339 0.17 -5.10 -22.83
CA ALA B 339 0.10 -5.11 -21.37
C ALA B 339 -0.94 -4.12 -20.85
N ALA B 340 -0.89 -2.89 -21.36
CA ALA B 340 -1.83 -1.84 -20.97
C ALA B 340 -3.25 -2.24 -21.37
N LYS B 341 -3.35 -2.96 -22.48
CA LYS B 341 -4.63 -3.45 -23.00
C LYS B 341 -5.21 -4.41 -21.98
N LEU B 342 -4.39 -5.39 -21.60
CA LEU B 342 -4.76 -6.41 -20.65
C LEU B 342 -5.03 -5.86 -19.26
N LYS B 343 -4.36 -4.78 -18.88
CA LYS B 343 -4.57 -4.21 -17.55
C LYS B 343 -6.00 -3.72 -17.45
N GLN B 344 -6.43 -2.97 -18.47
CA GLN B 344 -7.78 -2.42 -18.49
C GLN B 344 -8.86 -3.48 -18.61
N TYR B 345 -8.51 -4.63 -19.17
CA TYR B 345 -9.48 -5.71 -19.30
C TYR B 345 -9.69 -6.27 -17.90
N GLY B 346 -8.61 -6.35 -17.13
CA GLY B 346 -8.71 -6.88 -15.78
C GLY B 346 -7.62 -7.85 -15.37
N VAL B 347 -6.49 -7.86 -16.10
CA VAL B 347 -5.37 -8.72 -15.76
C VAL B 347 -4.67 -8.01 -14.60
N THR B 348 -4.42 -8.75 -13.52
CA THR B 348 -3.79 -8.18 -12.35
C THR B 348 -2.40 -8.71 -12.01
N ASN B 349 -2.01 -9.81 -12.67
CA ASN B 349 -0.70 -10.42 -12.43
C ASN B 349 0.09 -10.57 -13.75
N PHE B 350 1.18 -9.83 -13.88
CA PHE B 350 2.03 -9.90 -15.08
C PHE B 350 3.37 -10.54 -14.77
N ILE B 351 3.76 -11.51 -15.59
CA ILE B 351 5.06 -12.17 -15.42
C ILE B 351 5.90 -11.86 -16.65
N THR B 352 6.82 -10.92 -16.51
CA THR B 352 7.69 -10.52 -17.60
C THR B 352 9.03 -11.27 -17.56
N ALA B 353 9.58 -11.55 -18.74
CA ALA B 353 10.85 -12.26 -18.84
C ALA B 353 11.78 -11.53 -19.81
N GLY B 354 12.79 -10.87 -19.28
CA GLY B 354 13.71 -10.12 -20.11
C GLY B 354 13.90 -8.71 -19.59
N GLY B 355 15.12 -8.20 -19.70
CA GLY B 355 15.41 -6.87 -19.22
C GLY B 355 14.50 -5.77 -19.73
N GLU B 356 14.49 -5.55 -21.04
CA GLU B 356 13.66 -4.48 -21.59
C GLU B 356 12.17 -4.78 -21.62
N THR B 357 11.81 -6.07 -21.70
CA THR B 357 10.39 -6.43 -21.71
C THR B 357 9.75 -6.00 -20.37
N SER B 358 10.49 -6.23 -19.28
CA SER B 358 10.03 -5.87 -17.95
C SER B 358 9.97 -4.35 -17.79
N SER B 359 10.98 -3.66 -18.30
CA SER B 359 11.06 -2.20 -18.20
C SER B 359 10.11 -1.48 -19.14
N ILE B 360 9.80 -2.08 -20.28
CA ILE B 360 8.89 -1.48 -21.24
C ILE B 360 7.46 -1.61 -20.72
N VAL B 361 7.16 -2.74 -20.09
CA VAL B 361 5.84 -2.99 -19.54
C VAL B 361 5.54 -2.03 -18.39
N VAL B 362 6.46 -1.94 -17.44
CA VAL B 362 6.34 -1.09 -16.27
C VAL B 362 6.20 0.39 -16.65
N GLN B 363 6.86 0.79 -17.72
CA GLN B 363 6.82 2.16 -18.20
C GLN B 363 5.43 2.44 -18.79
N GLU B 364 4.90 1.45 -19.52
CA GLU B 364 3.58 1.57 -20.13
C GLU B 364 2.50 1.65 -19.07
N LEU B 365 2.62 0.80 -18.06
CA LEU B 365 1.67 0.77 -16.97
C LEU B 365 1.78 2.01 -16.06
N GLY B 366 2.93 2.70 -16.15
CA GLY B 366 3.15 3.91 -15.37
C GLY B 366 3.48 3.83 -13.90
N PHE B 367 3.78 2.63 -13.40
CA PHE B 367 4.11 2.44 -12.00
C PHE B 367 5.43 3.13 -11.63
N THR B 368 5.41 3.86 -10.52
CA THR B 368 6.59 4.59 -10.06
C THR B 368 7.30 3.91 -8.87
N GLY B 369 6.65 2.92 -8.27
CA GLY B 369 7.23 2.23 -7.13
C GLY B 369 6.61 0.87 -6.93
N PHE B 370 7.20 0.05 -6.05
CA PHE B 370 6.71 -1.30 -5.79
C PHE B 370 7.08 -1.91 -4.44
N HIS B 371 6.09 -2.53 -3.82
CA HIS B 371 6.19 -3.22 -2.55
C HIS B 371 6.89 -4.52 -2.87
N ILE B 372 7.98 -4.81 -2.17
CA ILE B 372 8.72 -6.04 -2.42
C ILE B 372 8.14 -7.18 -1.61
N GLY B 373 7.95 -8.32 -2.26
CA GLY B 373 7.36 -9.46 -1.59
C GLY B 373 8.16 -10.74 -1.62
N LYS B 374 7.45 -11.86 -1.49
CA LYS B 374 8.02 -13.20 -1.46
C LYS B 374 8.92 -13.56 -2.64
N GLN B 375 10.01 -14.25 -2.32
CA GLN B 375 10.97 -14.67 -3.33
C GLN B 375 10.51 -15.88 -4.14
N ILE B 376 10.51 -15.71 -5.45
CA ILE B 376 10.12 -16.76 -6.40
C ILE B 376 11.37 -17.59 -6.67
N ALA B 377 12.45 -16.87 -6.96
CA ALA B 377 13.76 -17.45 -7.24
C ALA B 377 14.78 -16.40 -6.78
N PRO B 378 15.99 -16.84 -6.39
CA PRO B 378 16.99 -15.87 -5.93
C PRO B 378 17.24 -14.77 -6.95
N GLY B 379 16.95 -13.54 -6.54
CA GLY B 379 17.13 -12.40 -7.41
C GLY B 379 15.83 -11.84 -7.95
N VAL B 380 14.77 -12.63 -7.92
CA VAL B 380 13.48 -12.18 -8.41
C VAL B 380 12.30 -12.42 -7.46
N PRO B 381 11.83 -11.37 -6.80
CA PRO B 381 10.70 -11.43 -5.87
C PRO B 381 9.39 -10.95 -6.53
N TRP B 382 8.27 -11.34 -5.93
CA TRP B 382 6.96 -10.89 -6.43
C TRP B 382 6.83 -9.43 -6.02
N LEU B 383 6.40 -8.57 -6.95
CA LEU B 383 6.23 -7.16 -6.67
C LEU B 383 4.74 -6.75 -6.69
N LYS B 384 4.47 -5.52 -6.30
CA LYS B 384 3.11 -4.98 -6.31
C LYS B 384 3.26 -3.48 -6.35
N ALA B 385 2.67 -2.86 -7.35
CA ALA B 385 2.77 -1.41 -7.50
C ALA B 385 2.28 -0.70 -6.24
N VAL B 386 2.74 0.52 -6.02
CA VAL B 386 2.30 1.29 -4.85
C VAL B 386 0.99 2.02 -5.13
N GLU B 387 0.71 2.30 -6.40
CA GLU B 387 -0.50 3.00 -6.79
C GLU B 387 -1.77 2.14 -6.72
N GLU B 388 -1.65 0.85 -7.03
CA GLU B 388 -2.80 -0.04 -7.00
C GLU B 388 -2.42 -1.51 -6.89
N ASP B 389 -3.41 -2.35 -6.61
CA ASP B 389 -3.21 -3.80 -6.45
C ASP B 389 -2.87 -4.56 -7.74
N ILE B 390 -1.68 -4.35 -8.29
CA ILE B 390 -1.22 -5.04 -9.49
C ILE B 390 0.13 -5.69 -9.19
N PHE B 391 0.20 -7.01 -9.35
CA PHE B 391 1.43 -7.77 -9.08
C PHE B 391 2.23 -8.10 -10.33
N LEU B 392 3.55 -7.98 -10.23
CA LEU B 392 4.46 -8.26 -11.35
C LEU B 392 5.67 -9.04 -10.86
N ALA B 393 6.13 -9.98 -11.69
CA ALA B 393 7.32 -10.78 -11.41
C ALA B 393 8.26 -10.47 -12.55
N LEU B 394 9.22 -9.58 -12.33
CA LEU B 394 10.17 -9.19 -13.35
C LEU B 394 11.42 -10.09 -13.39
N LYS B 395 11.40 -11.12 -14.24
CA LYS B 395 12.52 -12.06 -14.36
C LYS B 395 13.57 -11.63 -15.38
N SER B 396 14.76 -11.25 -14.90
CA SER B 396 15.83 -10.86 -15.81
C SER B 396 16.21 -12.15 -16.53
N GLY B 397 16.64 -12.02 -17.79
CA GLY B 397 16.98 -13.11 -18.69
C GLY B 397 17.74 -14.31 -18.08
N ASN B 398 18.59 -14.08 -17.09
CA ASN B 398 19.35 -15.19 -16.50
C ASN B 398 18.92 -15.73 -15.14
N PHE B 399 17.96 -15.09 -14.49
CA PHE B 399 17.51 -15.55 -13.17
C PHE B 399 16.39 -16.59 -13.26
N GLY B 400 16.29 -17.45 -12.25
CA GLY B 400 15.25 -18.47 -12.24
C GLY B 400 15.71 -19.84 -12.72
N LYS B 401 15.10 -20.88 -12.15
CA LYS B 401 15.41 -22.26 -12.52
C LYS B 401 14.49 -22.72 -13.65
N GLU B 402 14.67 -23.96 -14.10
CA GLU B 402 13.90 -24.55 -15.20
C GLU B 402 12.43 -24.13 -15.35
N ASP B 403 11.60 -24.41 -14.34
CA ASP B 403 10.19 -24.02 -14.42
C ASP B 403 9.86 -22.83 -13.53
N PHE B 404 10.39 -21.67 -13.91
CA PHE B 404 10.17 -20.43 -13.16
C PHE B 404 8.74 -19.94 -13.28
N PHE B 405 8.17 -20.06 -14.48
CA PHE B 405 6.81 -19.60 -14.76
C PHE B 405 5.76 -20.38 -13.98
N GLU B 406 5.81 -21.69 -14.08
CA GLU B 406 4.89 -22.56 -13.38
C GLU B 406 5.02 -22.39 -11.87
N TYR B 407 6.25 -22.23 -11.40
CA TYR B 407 6.52 -22.06 -9.98
C TYR B 407 6.02 -20.73 -9.41
N ALA B 408 6.26 -19.65 -10.15
CA ALA B 408 5.85 -18.31 -9.72
C ALA B 408 4.36 -18.29 -9.39
N GLN B 409 3.59 -19.06 -10.16
CA GLN B 409 2.15 -19.14 -9.96
C GLN B 409 1.80 -20.14 -8.88
N GLY B 410 2.54 -21.26 -8.83
CA GLY B 410 2.28 -22.27 -7.82
C GLY B 410 2.74 -21.77 -6.46
N MET B 411 2.65 -20.46 -6.29
CA MET B 411 3.06 -19.78 -5.07
C MET B 411 1.80 -19.37 -4.31
N PHE B 412 0.95 -18.60 -5.00
CA PHE B 412 -0.29 -18.11 -4.43
C PHE B 412 -1.50 -19.03 -4.67
N LEU B 413 -1.29 -20.08 -5.45
CA LEU B 413 -2.35 -21.05 -5.76
C LEU B 413 -2.55 -22.02 -4.59
#